data_8JYE
#
_entry.id   8JYE
#
_cell.length_a   89.823
_cell.length_b   89.823
_cell.length_c   169.335
_cell.angle_alpha   90.000
_cell.angle_beta   90.000
_cell.angle_gamma   90.000
#
_symmetry.space_group_name_H-M   'P 41'
#
loop_
_entity.id
_entity.type
_entity.pdbx_description
1 polymer 'Butyrophilin subfamily 2 member A1'
2 polymer 'Butyrophilin subfamily 3 member A1'
3 non-polymer DI(HYDROXYETHYL)ETHER
4 non-polymer 1,2-ETHANEDIOL
5 non-polymer 'PENTAETHYLENE GLYCOL'
6 non-polymer 'TRIETHYLENE GLYCOL'
7 non-polymer '(2E)-4-hydroxy-3-methylbut-2-en-1-yl trihydrogen diphosphate'
8 water water
#
loop_
_entity_poly.entity_id
_entity_poly.type
_entity_poly.pdbx_seq_one_letter_code
_entity_poly.pdbx_strand_id
1 'polypeptide(L)'
;GAGAGAEELRWRRTFLHAVDVVLDPDTAHPDLFLSEDRRSVRRCPFRHLGESVPDNPERFDSQPCVLGRESFASGKHYWE
VEVENVIEWTVGVCRDSVERKGEVLLIPQNGFWTLEMHKGQYRAVSSPDRILPLKESLCRVGVFLDYEAGDVSFYNMRDR
SHIYTCPRSAFSVPVRPFFRLGCEDSPIFICPALTGANGVTVPEEGLTLHRVGTHQSL
;
A,B
2 'polypeptide(L)'
;MGAYNEWKKALFKPADVILDPKTANPILLVSEDQRSVQRAKEPQDLPDNPERFNWHYCVLGCESFISGRHYWEVEVGDRK
EWHIGVCSKNVQRKGWVKMTPENGFWTMGLTDGNKYRTLTEPRTNLKLPKPPKKVGVFLDYETGDISFYNAVDGSHIHTF
LDVSFSEALYPVFRILTLEPTALTICPALEHHHHHH
;
C,D
#
# COMPACT_ATOMS: atom_id res chain seq x y z
N ARG A 13 -9.62 5.51 -3.01
CA ARG A 13 -9.41 6.45 -1.86
C ARG A 13 -9.59 5.71 -0.53
N THR A 14 -10.03 4.45 -0.60
CA THR A 14 -10.24 3.52 0.52
C THR A 14 -8.96 2.66 0.76
N PHE A 15 -8.08 2.56 -0.20
CA PHE A 15 -6.87 1.68 -0.16
C PHE A 15 -5.84 2.34 0.77
N LEU A 16 -5.19 1.57 1.64
CA LEU A 16 -3.89 1.97 2.24
C LEU A 16 -2.76 1.81 1.20
N HIS A 17 -2.16 2.92 0.82
CA HIS A 17 -0.97 3.01 -0.08
C HIS A 17 0.32 2.76 0.70
N ALA A 18 1.10 1.70 0.39
CA ALA A 18 2.48 1.45 0.87
C ALA A 18 3.39 2.26 -0.03
N VAL A 19 3.79 3.44 0.44
CA VAL A 19 4.52 4.43 -0.36
C VAL A 19 5.93 3.91 -0.65
N ASP A 20 6.42 4.24 -1.83
CA ASP A 20 7.84 4.03 -2.20
C ASP A 20 8.53 5.39 -2.03
N VAL A 21 9.22 5.59 -0.90
CA VAL A 21 9.80 6.94 -0.59
C VAL A 21 11.25 7.04 -1.12
N VAL A 22 11.46 8.03 -1.96
CA VAL A 22 12.78 8.42 -2.52
C VAL A 22 13.05 9.87 -2.05
N LEU A 23 14.22 10.13 -1.52
CA LEU A 23 14.57 11.48 -0.99
C LEU A 23 14.78 12.45 -2.15
N ASP A 24 14.31 13.67 -1.96
CA ASP A 24 14.53 14.82 -2.86
C ASP A 24 15.81 15.55 -2.47
N PRO A 25 16.89 15.42 -3.27
CA PRO A 25 18.17 16.05 -2.97
C PRO A 25 18.15 17.58 -2.89
N ASP A 26 17.20 18.22 -3.57
CA ASP A 26 17.03 19.69 -3.50
C ASP A 26 16.59 20.16 -2.10
N THR A 27 16.00 19.28 -1.26
CA THR A 27 15.51 19.68 0.08
C THR A 27 16.62 19.48 1.13
N ALA A 28 17.64 18.68 0.81
CA ALA A 28 18.56 18.09 1.79
C ALA A 28 19.54 19.16 2.27
N HIS A 29 19.56 19.40 3.57
CA HIS A 29 20.63 20.18 4.23
C HIS A 29 22.00 19.76 3.68
N PRO A 30 22.94 20.70 3.49
CA PRO A 30 24.25 20.39 2.92
C PRO A 30 25.12 19.38 3.65
N ASP A 31 24.96 19.23 4.98
CA ASP A 31 25.69 18.21 5.79
C ASP A 31 25.10 16.82 5.59
N LEU A 32 23.91 16.71 5.00
CA LEU A 32 23.34 15.36 4.72
C LEU A 32 24.05 14.79 3.50
N PHE A 33 24.37 13.52 3.58
CA PHE A 33 24.97 12.77 2.49
C PHE A 33 23.99 11.67 2.07
N LEU A 34 23.41 11.80 0.87
CA LEU A 34 22.43 10.81 0.35
C LEU A 34 23.15 9.66 -0.35
N SER A 35 22.64 8.45 -0.18
CA SER A 35 23.04 7.30 -1.00
C SER A 35 22.74 7.63 -2.46
N GLU A 36 23.37 6.88 -3.37
CA GLU A 36 23.14 7.00 -4.84
C GLU A 36 21.66 6.74 -5.13
N ASP A 37 21.03 5.76 -4.49
CA ASP A 37 19.63 5.40 -4.82
C ASP A 37 18.68 6.36 -4.10
N ARG A 38 19.20 7.22 -3.24
CA ARG A 38 18.43 8.25 -2.49
C ARG A 38 17.39 7.61 -1.58
N ARG A 39 17.70 6.44 -1.05
CA ARG A 39 16.83 5.73 -0.10
C ARG A 39 17.51 5.66 1.26
N SER A 40 18.72 6.16 1.40
CA SER A 40 19.37 6.25 2.74
C SER A 40 20.15 7.57 2.84
N VAL A 41 20.39 8.01 4.08
CA VAL A 41 21.03 9.31 4.31
C VAL A 41 21.79 9.21 5.64
N ARG A 42 22.98 9.79 5.67
CA ARG A 42 23.75 10.02 6.90
C ARG A 42 24.10 11.50 6.96
N ARG A 43 24.49 11.96 8.14
CA ARG A 43 25.00 13.32 8.33
C ARG A 43 26.53 13.28 8.41
N CYS A 44 27.20 14.11 7.61
CA CYS A 44 28.67 14.34 7.59
C CYS A 44 28.93 15.81 7.82
N PRO A 45 29.16 16.17 9.10
CA PRO A 45 29.22 17.58 9.49
C PRO A 45 30.34 18.33 8.77
N PHE A 46 30.04 19.58 8.43
CA PHE A 46 30.98 20.54 7.82
C PHE A 46 31.67 19.81 6.64
N ARG A 47 30.94 19.04 5.82
CA ARG A 47 31.50 18.27 4.65
C ARG A 47 31.73 19.22 3.44
N HIS A 48 31.22 20.43 3.54
CA HIS A 48 31.38 21.52 2.56
C HIS A 48 32.31 22.54 3.18
N LEU A 49 33.23 22.09 4.03
CA LEU A 49 34.16 23.04 4.68
C LEU A 49 35.10 23.57 3.60
N GLY A 50 35.21 24.89 3.54
CA GLY A 50 36.03 25.62 2.55
C GLY A 50 35.24 25.89 1.29
N GLU A 51 34.01 25.35 1.20
CA GLU A 51 33.16 25.53 0.00
C GLU A 51 32.12 26.60 0.21
N SER A 52 31.68 27.15 -0.92
CA SER A 52 30.54 28.07 -1.08
C SER A 52 29.43 27.19 -1.68
N VAL A 53 28.31 27.08 -0.98
CA VAL A 53 27.18 26.22 -1.39
C VAL A 53 26.16 27.13 -2.04
N PRO A 54 25.58 26.72 -3.18
CA PRO A 54 24.68 27.62 -3.90
C PRO A 54 23.31 27.76 -3.21
N ASP A 55 22.67 28.91 -3.40
CA ASP A 55 21.32 29.21 -2.87
C ASP A 55 20.32 28.26 -3.54
N ASN A 56 19.33 27.83 -2.77
CA ASN A 56 18.29 26.87 -3.21
C ASN A 56 17.14 27.08 -2.22
N PRO A 57 16.05 27.80 -2.57
CA PRO A 57 14.90 27.97 -1.68
C PRO A 57 14.20 26.69 -1.19
N GLU A 58 14.41 25.55 -1.85
CA GLU A 58 13.81 24.24 -1.40
C GLU A 58 14.62 23.64 -0.23
N ARG A 59 15.88 24.05 -0.05
CA ARG A 59 16.83 23.36 0.85
C ARG A 59 16.60 23.75 2.31
N PHE A 60 16.53 22.75 3.20
CA PHE A 60 16.58 23.01 4.66
C PHE A 60 18.01 23.45 5.02
N ASP A 61 18.17 24.65 5.61
CA ASP A 61 19.53 25.21 5.94
C ASP A 61 19.78 25.40 7.44
N SER A 62 18.77 25.36 8.32
CA SER A 62 19.01 25.61 9.77
C SER A 62 19.15 24.30 10.56
N GLN A 63 18.49 23.24 10.10
CA GLN A 63 18.46 21.90 10.72
C GLN A 63 18.67 20.85 9.63
N PRO A 64 19.34 19.73 9.95
CA PRO A 64 19.72 18.72 8.96
C PRO A 64 18.56 17.80 8.57
N CYS A 65 17.71 18.35 7.73
CA CYS A 65 16.43 17.75 7.28
C CYS A 65 16.46 17.47 5.76
N VAL A 66 15.58 16.58 5.35
CA VAL A 66 15.41 16.16 3.94
C VAL A 66 13.99 15.57 3.83
N LEU A 67 13.34 15.84 2.70
CA LEU A 67 11.95 15.41 2.45
C LEU A 67 11.97 14.27 1.43
N GLY A 68 10.94 13.42 1.50
CA GLY A 68 10.58 12.58 0.35
C GLY A 68 10.13 13.45 -0.81
N ARG A 69 10.37 13.00 -2.04
CA ARG A 69 9.94 13.75 -3.23
C ARG A 69 8.41 13.66 -3.39
N GLU A 70 7.77 12.68 -2.80
CA GLU A 70 6.32 12.39 -2.91
C GLU A 70 5.58 13.43 -2.07
N SER A 71 4.45 13.94 -2.51
CA SER A 71 3.55 14.77 -1.68
C SER A 71 2.13 14.19 -1.72
N PHE A 72 1.35 14.36 -0.66
CA PHE A 72 0.04 13.73 -0.44
C PHE A 72 -0.94 14.83 -0.13
N ALA A 73 -2.09 14.85 -0.81
CA ALA A 73 -3.15 15.87 -0.58
C ALA A 73 -4.44 15.15 -0.22
N SER A 74 -4.41 13.82 -0.17
CA SER A 74 -5.53 13.00 0.30
C SER A 74 -5.10 11.54 0.46
N GLY A 75 -5.94 10.74 1.08
CA GLY A 75 -5.67 9.30 1.12
C GLY A 75 -4.87 8.90 2.34
N LYS A 76 -4.68 7.61 2.43
CA LYS A 76 -3.98 6.92 3.51
C LYS A 76 -2.68 6.35 2.91
N HIS A 77 -1.59 6.55 3.61
CA HIS A 77 -0.21 6.30 3.09
C HIS A 77 0.67 5.92 4.26
N TYR A 78 1.51 4.91 4.09
CA TYR A 78 2.56 4.63 5.08
C TYR A 78 3.86 4.13 4.44
N TRP A 79 4.92 4.28 5.20
CA TRP A 79 6.30 3.88 4.82
C TRP A 79 7.03 3.51 6.11
N GLU A 80 8.16 2.83 6.00
CA GLU A 80 8.91 2.31 7.14
C GLU A 80 10.33 2.82 7.06
N VAL A 81 10.93 3.05 8.23
CA VAL A 81 12.27 3.67 8.32
C VAL A 81 13.06 2.80 9.28
N GLU A 82 14.27 2.40 8.90
CA GLU A 82 15.22 1.66 9.80
C GLU A 82 16.06 2.72 10.55
N VAL A 83 16.03 2.73 11.88
CA VAL A 83 16.67 3.75 12.76
C VAL A 83 17.59 3.05 13.77
N GLU A 84 17.79 1.75 13.64
CA GLU A 84 18.70 0.99 14.55
C GLU A 84 20.10 1.64 14.56
N ASN A 85 20.73 1.77 15.70
CA ASN A 85 22.04 2.48 15.81
C ASN A 85 22.04 3.94 15.26
N VAL A 86 20.92 4.63 15.21
CA VAL A 86 20.92 6.12 15.14
C VAL A 86 20.25 6.57 16.42
N ILE A 87 20.81 7.53 17.13
CA ILE A 87 20.18 7.87 18.43
C ILE A 87 19.86 9.37 18.55
N GLU A 88 20.12 10.17 17.51
CA GLU A 88 19.61 11.56 17.35
C GLU A 88 18.93 11.67 15.98
N TRP A 89 17.61 11.60 15.97
CA TRP A 89 16.80 11.57 14.72
C TRP A 89 15.37 12.03 14.97
N THR A 90 14.73 12.45 13.89
CA THR A 90 13.31 12.88 13.81
C THR A 90 12.75 12.37 12.49
N VAL A 91 11.62 11.71 12.57
CA VAL A 91 10.84 11.30 11.35
C VAL A 91 9.35 11.67 11.51
N GLY A 92 8.67 11.75 10.36
CA GLY A 92 7.21 11.88 10.24
C GLY A 92 6.86 12.57 8.94
N VAL A 93 6.04 13.61 9.06
CA VAL A 93 5.38 14.28 7.94
C VAL A 93 5.46 15.78 8.17
N CYS A 94 5.63 16.55 7.14
CA CYS A 94 5.46 18.01 7.31
C CYS A 94 4.68 18.62 6.15
N ARG A 95 4.13 19.82 6.34
CA ARG A 95 3.48 20.55 5.23
C ARG A 95 4.56 20.86 4.22
N ASP A 96 4.19 20.95 2.94
CA ASP A 96 5.19 21.34 1.94
C ASP A 96 5.57 22.81 2.17
N SER A 97 4.74 23.57 2.87
CA SER A 97 4.98 25.03 3.05
C SER A 97 5.87 25.32 4.28
N VAL A 98 6.38 24.35 5.03
CA VAL A 98 7.10 24.64 6.32
C VAL A 98 8.28 25.59 6.09
N GLU A 99 8.69 26.29 7.14
CA GLU A 99 9.88 27.18 7.10
C GLU A 99 11.11 26.29 6.83
N ARG A 100 11.91 26.65 5.85
CA ARG A 100 13.15 25.94 5.47
C ARG A 100 14.43 26.67 5.92
N LYS A 101 14.36 27.98 6.12
CA LYS A 101 15.59 28.83 6.26
C LYS A 101 15.85 29.14 7.73
N GLY A 102 14.86 29.65 8.42
CA GLY A 102 14.97 29.84 9.88
C GLY A 102 14.70 28.58 10.67
N GLU A 103 15.18 28.56 11.91
CA GLU A 103 15.00 27.40 12.81
C GLU A 103 13.64 27.52 13.46
N VAL A 104 12.82 26.48 13.34
CA VAL A 104 11.49 26.41 14.00
C VAL A 104 11.51 25.17 14.85
N LEU A 105 10.68 25.17 15.89
CA LEU A 105 10.27 23.99 16.65
C LEU A 105 9.52 23.04 15.68
N LEU A 106 9.79 21.75 15.78
CA LEU A 106 9.32 20.72 14.81
C LEU A 106 8.03 20.17 15.40
N ILE A 107 7.03 21.04 15.45
CA ILE A 107 5.75 20.80 16.18
C ILE A 107 4.60 21.11 15.23
N PRO A 108 3.41 20.55 15.56
CA PRO A 108 2.24 20.66 14.69
C PRO A 108 1.85 22.08 14.29
N GLN A 109 1.97 23.02 15.25
CA GLN A 109 1.75 24.48 15.00
C GLN A 109 2.58 24.97 13.84
N ASN A 110 3.81 24.47 13.63
CA ASN A 110 4.68 24.92 12.53
C ASN A 110 4.55 24.00 11.30
N GLY A 111 3.68 23.00 11.31
CA GLY A 111 3.49 22.14 10.11
C GLY A 111 4.34 20.88 10.13
N PHE A 112 4.70 20.37 11.31
CA PHE A 112 5.53 19.16 11.45
C PHE A 112 4.80 18.23 12.40
N TRP A 113 4.74 16.96 12.03
CA TRP A 113 4.19 15.86 12.83
C TRP A 113 5.27 14.80 12.95
N THR A 114 5.86 14.61 14.12
CA THR A 114 7.16 13.90 14.25
C THR A 114 7.19 13.02 15.48
N LEU A 115 7.99 11.96 15.36
CA LEU A 115 8.57 11.12 16.41
C LEU A 115 10.09 11.40 16.37
N GLU A 116 10.66 11.64 17.54
CA GLU A 116 12.05 12.06 17.78
C GLU A 116 12.69 11.06 18.74
N MET A 117 13.94 10.71 18.45
CA MET A 117 14.88 10.21 19.46
C MET A 117 15.87 11.32 19.79
N HIS A 118 15.97 11.62 21.10
CA HIS A 118 16.79 12.73 21.63
C HIS A 118 17.28 12.38 23.02
N LYS A 119 18.59 12.45 23.27
CA LYS A 119 19.22 12.10 24.59
C LYS A 119 18.65 10.81 25.15
N GLY A 120 18.54 9.76 24.35
CA GLY A 120 18.14 8.44 24.85
C GLY A 120 16.66 8.33 25.12
N GLN A 121 15.86 9.32 24.76
CA GLN A 121 14.38 9.30 25.01
C GLN A 121 13.63 9.37 23.66
N TYR A 122 12.46 8.75 23.58
CA TYR A 122 11.50 8.94 22.46
C TYR A 122 10.55 10.06 22.85
N ARG A 123 10.54 11.11 22.06
CA ARG A 123 9.68 12.27 22.27
C ARG A 123 8.68 12.40 21.13
N ALA A 124 7.42 12.34 21.49
CA ALA A 124 6.29 12.65 20.57
C ALA A 124 6.36 14.12 20.24
N VAL A 125 6.07 14.45 18.98
CA VAL A 125 6.00 15.80 18.39
C VAL A 125 7.14 16.66 18.97
N SER A 126 8.32 16.04 19.10
CA SER A 126 9.61 16.72 19.41
C SER A 126 9.45 17.49 20.71
N SER A 127 8.71 16.97 21.69
CA SER A 127 8.36 17.75 22.89
C SER A 127 9.00 17.14 24.12
N PRO A 128 9.69 17.95 24.98
CA PRO A 128 10.19 17.44 26.25
C PRO A 128 9.03 17.02 27.15
N ASP A 129 7.81 17.49 26.88
CA ASP A 129 6.66 17.12 27.75
C ASP A 129 5.91 15.92 27.20
N ARG A 130 6.47 15.17 26.24
CA ARG A 130 5.74 14.03 25.62
C ARG A 130 6.73 12.88 25.42
N ILE A 131 7.42 12.52 26.50
CA ILE A 131 8.31 11.33 26.59
C ILE A 131 7.43 10.11 26.50
N LEU A 132 7.74 9.25 25.52
CA LEU A 132 7.01 8.00 25.27
C LEU A 132 7.64 6.91 26.13
N PRO A 133 6.85 6.24 26.99
CA PRO A 133 7.38 5.20 27.85
C PRO A 133 7.64 3.89 27.11
N LEU A 134 8.52 3.87 26.10
CA LEU A 134 8.74 2.60 25.37
C LEU A 134 9.66 1.73 26.22
N LYS A 135 9.51 0.41 26.12
CA LYS A 135 10.31 -0.54 26.92
C LYS A 135 11.34 -1.24 26.02
N GLU A 136 11.47 -0.88 24.75
CA GLU A 136 12.52 -1.47 23.87
C GLU A 136 13.07 -0.39 22.96
N SER A 137 14.27 -0.60 22.43
CA SER A 137 14.90 0.22 21.35
C SER A 137 14.16 -0.04 20.03
N LEU A 138 13.67 1.02 19.39
CA LEU A 138 12.99 0.96 18.07
C LEU A 138 14.07 0.69 17.02
N CYS A 139 13.81 -0.25 16.11
CA CYS A 139 14.72 -0.59 14.98
C CYS A 139 14.06 -0.18 13.65
N ARG A 140 12.78 -0.53 13.48
CA ARG A 140 12.00 -0.12 12.29
C ARG A 140 10.70 0.53 12.75
N VAL A 141 10.47 1.73 12.28
CA VAL A 141 9.30 2.58 12.62
C VAL A 141 8.44 2.74 11.38
N GLY A 142 7.15 2.53 11.55
CA GLY A 142 6.15 2.83 10.51
C GLY A 142 5.65 4.24 10.68
N VAL A 143 5.66 5.03 9.61
CA VAL A 143 5.07 6.37 9.56
C VAL A 143 3.78 6.22 8.76
N PHE A 144 2.62 6.50 9.39
CA PHE A 144 1.26 6.34 8.83
C PHE A 144 0.58 7.73 8.73
N LEU A 145 0.03 8.03 7.58
CA LEU A 145 -0.68 9.28 7.25
C LEU A 145 -2.10 8.92 6.79
N ASP A 146 -3.11 9.56 7.36
CA ASP A 146 -4.51 9.49 6.88
C ASP A 146 -4.93 10.94 6.72
N TYR A 147 -4.78 11.45 5.51
CA TYR A 147 -4.88 12.90 5.28
C TYR A 147 -6.24 13.41 5.82
N GLU A 148 -7.35 12.78 5.43
CA GLU A 148 -8.73 13.26 5.74
C GLU A 148 -8.97 13.16 7.24
N ALA A 149 -8.33 12.22 7.91
CA ALA A 149 -8.44 11.99 9.35
C ALA A 149 -7.61 12.99 10.21
N GLY A 150 -6.77 13.82 9.60
CA GLY A 150 -5.80 14.66 10.34
C GLY A 150 -4.84 13.80 11.15
N ASP A 151 -4.55 12.59 10.68
CA ASP A 151 -3.90 11.51 11.46
C ASP A 151 -2.45 11.28 10.94
N VAL A 152 -1.44 11.56 11.76
CA VAL A 152 -0.07 11.01 11.61
C VAL A 152 0.19 10.09 12.79
N SER A 153 0.42 8.82 12.50
CA SER A 153 0.64 7.77 13.50
C SER A 153 2.01 7.12 13.27
N PHE A 154 2.56 6.56 14.35
CA PHE A 154 3.87 5.89 14.39
C PHE A 154 3.66 4.50 14.95
N TYR A 155 4.30 3.52 14.33
CA TYR A 155 4.23 2.10 14.72
C TYR A 155 5.65 1.55 14.94
N ASN A 156 5.74 0.62 15.89
CA ASN A 156 6.88 -0.27 16.10
C ASN A 156 6.66 -1.48 15.18
N MET A 157 7.42 -1.55 14.09
CA MET A 157 7.20 -2.58 13.06
C MET A 157 7.73 -3.95 13.53
N ARG A 158 8.41 -4.06 14.67
CA ARG A 158 8.74 -5.41 15.21
C ARG A 158 7.46 -6.22 15.36
N ASP A 159 6.45 -5.67 16.04
CA ASP A 159 5.18 -6.38 16.33
C ASP A 159 4.01 -5.60 15.72
N ARG A 160 4.29 -4.59 14.90
N ARG A 160 4.27 -4.61 14.85
CA ARG A 160 3.30 -3.68 14.25
CA ARG A 160 3.26 -3.71 14.25
C ARG A 160 2.42 -2.97 15.29
C ARG A 160 2.39 -3.06 15.34
N SER A 161 2.96 -2.67 16.48
CA SER A 161 2.20 -2.09 17.62
C SER A 161 2.18 -0.57 17.47
N HIS A 162 1.06 0.07 17.78
CA HIS A 162 0.92 1.55 17.78
C HIS A 162 1.92 2.13 18.78
N ILE A 163 2.52 3.26 18.45
CA ILE A 163 3.34 4.05 19.38
C ILE A 163 2.58 5.31 19.75
N TYR A 164 2.21 6.11 18.76
CA TYR A 164 1.69 7.46 18.98
C TYR A 164 0.91 7.89 17.76
N THR A 165 -0.17 8.61 17.99
CA THR A 165 -0.86 9.43 17.00
C THR A 165 -0.81 10.87 17.49
N CYS A 166 -0.37 11.76 16.62
CA CYS A 166 -0.36 13.21 16.92
C CYS A 166 -1.77 13.75 17.12
N PRO A 167 -1.94 14.85 17.89
CA PRO A 167 -3.23 15.53 17.95
C PRO A 167 -3.66 15.75 16.49
N ARG A 168 -4.94 15.45 16.20
CA ARG A 168 -5.52 15.59 14.85
C ARG A 168 -5.33 17.01 14.35
N SER A 169 -5.07 17.17 13.06
CA SER A 169 -4.67 18.49 12.55
C SER A 169 -5.26 18.63 11.16
N ALA A 170 -5.73 19.82 10.81
CA ALA A 170 -6.09 20.16 9.42
C ALA A 170 -4.80 20.39 8.63
N PHE A 171 -4.36 19.41 7.83
CA PHE A 171 -3.10 19.52 7.07
C PHE A 171 -3.24 20.69 6.11
N SER A 172 -4.35 20.73 5.38
CA SER A 172 -4.81 21.85 4.54
C SER A 172 -4.02 21.97 3.24
N VAL A 173 -2.70 21.81 3.24
CA VAL A 173 -1.87 21.85 2.01
C VAL A 173 -1.29 20.45 1.82
N PRO A 174 -0.62 20.16 0.72
CA PRO A 174 0.06 18.88 0.57
C PRO A 174 1.17 18.68 1.62
N VAL A 175 1.29 17.44 2.09
CA VAL A 175 2.29 17.05 3.10
C VAL A 175 3.30 16.09 2.45
N ARG A 176 4.47 15.97 3.07
CA ARG A 176 5.64 15.20 2.58
C ARG A 176 6.23 14.35 3.70
N PRO A 177 6.86 13.20 3.37
CA PRO A 177 7.69 12.47 4.32
C PRO A 177 8.84 13.39 4.72
N PHE A 178 9.14 13.40 6.02
CA PHE A 178 10.08 14.30 6.71
C PHE A 178 11.09 13.44 7.44
N PHE A 179 12.38 13.77 7.29
CA PHE A 179 13.51 13.11 7.96
C PHE A 179 14.51 14.16 8.45
N ARG A 180 15.06 13.91 9.63
CA ARG A 180 16.12 14.74 10.23
C ARG A 180 17.09 13.86 11.02
N LEU A 181 18.38 14.17 10.91
CA LEU A 181 19.45 13.54 11.73
C LEU A 181 20.10 14.60 12.61
N GLY A 182 20.23 14.32 13.91
CA GLY A 182 20.93 15.27 14.81
C GLY A 182 22.35 14.83 15.14
N CYS A 183 22.95 13.89 14.37
CA CYS A 183 24.13 12.98 14.72
C CYS A 183 24.88 12.52 13.46
N GLU A 184 25.97 11.82 13.62
CA GLU A 184 27.04 11.91 12.60
C GLU A 184 27.18 10.48 12.14
N ASP A 185 27.37 10.29 10.84
CA ASP A 185 27.93 9.06 10.26
C ASP A 185 27.15 7.86 10.75
N SER A 186 25.92 8.01 11.28
CA SER A 186 25.04 6.82 11.41
C SER A 186 23.83 6.99 10.49
N PRO A 187 23.64 6.08 9.52
CA PRO A 187 22.64 6.31 8.49
C PRO A 187 21.23 5.94 8.95
N ILE A 188 20.26 6.58 8.35
CA ILE A 188 18.89 5.99 8.33
C ILE A 188 18.60 5.47 6.93
N PHE A 189 17.85 4.39 6.86
CA PHE A 189 17.42 3.69 5.64
C PHE A 189 15.91 3.79 5.54
N ILE A 190 15.43 4.30 4.42
CA ILE A 190 13.98 4.30 4.14
C ILE A 190 13.67 3.03 3.35
N CYS A 191 12.89 2.12 3.93
CA CYS A 191 12.53 0.81 3.36
C CYS A 191 11.78 1.01 2.06
N PRO A 192 12.36 0.53 0.94
CA PRO A 192 11.66 0.56 -0.32
C PRO A 192 10.31 -0.18 -0.22
N ALA A 193 9.30 0.27 -0.95
CA ALA A 193 8.04 -0.51 -1.11
C ALA A 193 8.41 -1.85 -1.76
N LEU A 194 7.68 -2.91 -1.44
CA LEU A 194 7.91 -4.26 -2.04
C LEU A 194 7.63 -4.14 -3.53
N THR A 195 8.46 -4.76 -4.35
CA THR A 195 8.29 -4.72 -5.83
C THR A 195 8.23 -6.13 -6.43
N GLY A 196 8.42 -7.17 -5.62
CA GLY A 196 8.51 -8.55 -6.14
C GLY A 196 9.68 -8.65 -7.11
N ALA A 197 9.43 -9.15 -8.31
CA ALA A 197 10.48 -9.36 -9.34
C ALA A 197 10.41 -8.25 -10.39
N ASN A 198 9.93 -7.07 -10.03
CA ASN A 198 9.85 -5.94 -10.98
C ASN A 198 11.25 -5.73 -11.53
N GLY A 199 11.39 -5.68 -12.85
CA GLY A 199 12.68 -5.37 -13.49
C GLY A 199 13.64 -6.53 -13.58
N VAL A 200 13.23 -7.74 -13.21
CA VAL A 200 14.14 -8.91 -13.08
C VAL A 200 13.58 -10.10 -13.87
N THR A 201 14.48 -10.85 -14.50
CA THR A 201 14.21 -12.20 -15.07
C THR A 201 13.79 -13.11 -13.92
N VAL A 202 12.61 -13.71 -14.03
CA VAL A 202 12.19 -14.81 -13.14
C VAL A 202 12.43 -16.11 -13.91
N PRO A 203 13.40 -16.94 -13.52
CA PRO A 203 13.60 -18.24 -14.16
C PRO A 203 12.32 -19.08 -14.07
N GLU A 204 12.26 -20.18 -14.83
CA GLU A 204 11.00 -20.98 -14.94
C GLU A 204 10.82 -21.83 -13.67
N GLU A 205 11.83 -21.92 -12.81
CA GLU A 205 11.82 -22.58 -11.47
C GLU A 205 11.45 -21.57 -10.36
N GLY A 206 11.32 -20.27 -10.72
CA GLY A 206 11.10 -19.17 -9.77
C GLY A 206 12.42 -18.48 -9.48
N LEU A 207 12.35 -17.42 -8.71
CA LEU A 207 13.50 -16.59 -8.31
C LEU A 207 13.61 -16.75 -6.82
N THR A 208 14.76 -17.26 -6.39
CA THR A 208 15.00 -17.66 -5.00
C THR A 208 15.91 -16.63 -4.34
N LEU A 209 15.50 -16.07 -3.20
CA LEU A 209 16.33 -15.25 -2.29
C LEU A 209 17.05 -14.16 -3.10
N HIS A 210 16.32 -13.32 -3.80
CA HIS A 210 16.87 -12.20 -4.61
C HIS A 210 17.45 -11.13 -3.65
N ARG A 211 18.64 -10.61 -3.98
CA ARG A 211 19.40 -9.59 -3.20
C ARG A 211 19.87 -8.46 -4.13
N VAL A 212 19.69 -7.20 -3.73
CA VAL A 212 20.03 -5.99 -4.54
C VAL A 212 21.45 -5.53 -4.20
N ARG B 13 -2.93 3.62 -10.60
CA ARG B 13 -2.76 2.12 -10.55
C ARG B 13 -1.29 1.71 -10.34
N THR B 14 -0.38 2.66 -10.09
CA THR B 14 1.07 2.37 -9.86
C THR B 14 1.31 2.14 -8.35
N PHE B 15 0.29 2.34 -7.53
CA PHE B 15 0.36 2.38 -6.05
C PHE B 15 0.40 0.93 -5.54
N LEU B 16 1.32 0.58 -4.65
CA LEU B 16 1.24 -0.67 -3.86
C LEU B 16 0.09 -0.55 -2.84
N HIS B 17 -0.88 -1.45 -2.94
CA HIS B 17 -2.02 -1.56 -1.98
C HIS B 17 -1.64 -2.47 -0.81
N ALA B 18 -1.65 -1.95 0.41
CA ALA B 18 -1.50 -2.75 1.66
C ALA B 18 -2.89 -3.27 2.02
N VAL B 19 -3.17 -4.53 1.69
CA VAL B 19 -4.51 -5.12 1.75
C VAL B 19 -4.89 -5.35 3.20
N ASP B 20 -6.17 -5.14 3.47
CA ASP B 20 -6.80 -5.54 4.75
C ASP B 20 -7.52 -6.85 4.47
N VAL B 21 -6.93 -7.98 4.85
CA VAL B 21 -7.45 -9.33 4.47
C VAL B 21 -8.32 -9.88 5.60
N VAL B 22 -9.51 -10.29 5.22
CA VAL B 22 -10.56 -10.91 6.07
C VAL B 22 -10.97 -12.22 5.39
N LEU B 23 -10.99 -13.30 6.14
CA LEU B 23 -11.25 -14.65 5.57
C LEU B 23 -12.72 -14.80 5.19
N ASP B 24 -12.99 -15.58 4.15
CA ASP B 24 -14.35 -15.84 3.63
C ASP B 24 -14.82 -17.20 4.17
N PRO B 25 -15.71 -17.23 5.19
CA PRO B 25 -16.06 -18.48 5.88
C PRO B 25 -16.72 -19.51 4.94
N ASP B 26 -17.28 -19.07 3.82
CA ASP B 26 -17.99 -19.96 2.87
C ASP B 26 -17.02 -20.87 2.13
N THR B 27 -15.73 -20.49 2.05
CA THR B 27 -14.70 -21.28 1.34
C THR B 27 -14.08 -22.29 2.31
N ALA B 28 -14.17 -22.00 3.60
CA ALA B 28 -13.39 -22.69 4.63
C ALA B 28 -13.74 -24.18 4.72
N HIS B 29 -12.76 -25.06 4.52
CA HIS B 29 -12.82 -26.48 4.97
C HIS B 29 -13.44 -26.59 6.35
N PRO B 30 -14.38 -27.55 6.57
CA PRO B 30 -15.09 -27.62 7.85
C PRO B 30 -14.20 -27.84 9.06
N ASP B 31 -12.98 -28.40 8.90
CA ASP B 31 -12.03 -28.58 10.04
C ASP B 31 -11.43 -27.24 10.49
N LEU B 32 -11.45 -26.23 9.62
CA LEU B 32 -10.89 -24.91 9.94
C LEU B 32 -11.84 -24.22 10.92
N PHE B 33 -11.30 -23.62 11.96
CA PHE B 33 -12.05 -22.78 12.93
C PHE B 33 -11.56 -21.32 12.84
N LEU B 34 -12.35 -20.47 12.19
CA LEU B 34 -12.07 -19.04 12.06
C LEU B 34 -12.34 -18.33 13.39
N SER B 35 -11.55 -17.33 13.75
CA SER B 35 -11.94 -16.31 14.76
C SER B 35 -13.22 -15.57 14.31
N GLU B 36 -13.95 -14.94 15.24
CA GLU B 36 -15.20 -14.20 14.91
C GLU B 36 -14.84 -13.00 14.01
N ASP B 37 -13.72 -12.31 14.25
CA ASP B 37 -13.24 -11.20 13.37
C ASP B 37 -12.73 -11.72 12.01
N ARG B 38 -12.56 -13.03 11.85
CA ARG B 38 -12.19 -13.66 10.55
C ARG B 38 -10.77 -13.26 10.08
N ARG B 39 -9.91 -12.88 11.02
CA ARG B 39 -8.50 -12.50 10.75
C ARG B 39 -7.54 -13.58 11.23
N SER B 40 -8.05 -14.67 11.81
CA SER B 40 -7.21 -15.81 12.26
C SER B 40 -7.97 -17.11 12.17
N VAL B 41 -7.22 -18.21 12.14
CA VAL B 41 -7.74 -19.54 11.79
C VAL B 41 -6.82 -20.60 12.38
N ARG B 42 -7.43 -21.67 12.88
CA ARG B 42 -6.73 -22.90 13.34
C ARG B 42 -7.49 -24.09 12.76
N ARG B 43 -6.85 -25.26 12.72
CA ARG B 43 -7.46 -26.50 12.21
C ARG B 43 -7.71 -27.40 13.44
N CYS B 44 -8.96 -27.80 13.65
CA CYS B 44 -9.45 -28.72 14.73
C CYS B 44 -10.22 -29.83 14.05
N PRO B 45 -9.54 -30.94 13.67
CA PRO B 45 -10.16 -32.00 12.87
C PRO B 45 -11.30 -32.68 13.63
N PHE B 46 -12.25 -33.21 12.88
CA PHE B 46 -13.48 -33.85 13.40
C PHE B 46 -14.26 -32.93 14.35
N ARG B 47 -14.07 -31.60 14.28
CA ARG B 47 -14.80 -30.66 15.17
C ARG B 47 -16.29 -30.62 14.82
N HIS B 48 -16.69 -31.02 13.61
CA HIS B 48 -18.09 -31.22 13.19
C HIS B 48 -18.45 -32.72 13.31
N LEU B 49 -17.88 -33.42 14.28
CA LEU B 49 -18.23 -34.86 14.49
C LEU B 49 -19.72 -34.96 14.85
N GLY B 50 -20.46 -35.80 14.14
CA GLY B 50 -21.89 -36.05 14.39
C GLY B 50 -22.79 -34.98 13.78
N GLU B 51 -22.21 -34.14 12.92
CA GLU B 51 -22.90 -33.03 12.24
C GLU B 51 -22.91 -33.28 10.75
N SER B 52 -23.98 -32.86 10.09
CA SER B 52 -24.06 -32.82 8.61
C SER B 52 -23.71 -31.38 8.23
N VAL B 53 -22.48 -31.16 7.73
CA VAL B 53 -22.01 -29.82 7.26
C VAL B 53 -22.45 -29.63 5.81
N PRO B 54 -23.22 -28.56 5.49
CA PRO B 54 -23.55 -28.24 4.10
C PRO B 54 -22.25 -28.01 3.30
N ASP B 55 -22.19 -28.67 2.14
CA ASP B 55 -21.05 -28.77 1.19
C ASP B 55 -21.36 -27.84 -0.01
N ASN B 56 -21.58 -26.55 0.26
CA ASN B 56 -21.79 -25.51 -0.79
C ASN B 56 -20.62 -25.52 -1.77
N PRO B 57 -20.87 -25.13 -3.04
CA PRO B 57 -19.87 -25.23 -4.09
C PRO B 57 -18.57 -24.42 -3.85
N GLU B 58 -18.60 -23.40 -3.00
CA GLU B 58 -17.44 -22.50 -2.74
C GLU B 58 -16.48 -23.19 -1.76
N ARG B 59 -16.93 -24.21 -1.04
CA ARG B 59 -16.20 -24.74 0.14
C ARG B 59 -15.19 -25.78 -0.31
N PHE B 60 -13.96 -25.68 0.23
CA PHE B 60 -12.93 -26.74 0.10
C PHE B 60 -13.39 -27.97 0.91
N ASP B 61 -13.53 -29.13 0.27
CA ASP B 61 -14.11 -30.32 0.94
C ASP B 61 -13.02 -31.31 1.37
N SER B 62 -11.81 -31.31 0.80
CA SER B 62 -10.70 -32.21 1.23
C SER B 62 -9.44 -31.45 1.68
N GLN B 63 -9.01 -30.45 0.95
CA GLN B 63 -7.81 -29.66 1.32
C GLN B 63 -8.22 -28.68 2.41
N PRO B 64 -7.51 -28.66 3.56
CA PRO B 64 -7.86 -27.77 4.67
C PRO B 64 -7.46 -26.29 4.39
N CYS B 65 -8.21 -25.66 3.47
CA CYS B 65 -7.97 -24.32 2.89
C CYS B 65 -9.12 -23.35 3.17
N VAL B 66 -8.79 -22.06 3.14
CA VAL B 66 -9.73 -20.91 3.24
C VAL B 66 -9.17 -19.75 2.40
N LEU B 67 -10.04 -19.00 1.74
CA LEU B 67 -9.66 -17.85 0.89
C LEU B 67 -9.97 -16.54 1.65
N GLY B 68 -9.20 -15.49 1.36
CA GLY B 68 -9.61 -14.12 1.71
C GLY B 68 -10.85 -13.79 0.92
N ARG B 69 -11.69 -12.89 1.45
CA ARG B 69 -12.94 -12.47 0.75
C ARG B 69 -12.59 -11.53 -0.42
N GLU B 70 -11.44 -10.87 -0.41
CA GLU B 70 -11.02 -9.90 -1.46
C GLU B 70 -10.61 -10.67 -2.72
N SER B 71 -10.89 -10.13 -3.89
CA SER B 71 -10.35 -10.64 -5.16
C SER B 71 -9.70 -9.49 -5.91
N PHE B 72 -8.70 -9.78 -6.73
CA PHE B 72 -7.86 -8.79 -7.43
C PHE B 72 -7.84 -9.15 -8.88
N ALA B 73 -8.11 -8.18 -9.73
CA ALA B 73 -8.10 -8.43 -11.18
C ALA B 73 -7.05 -7.54 -11.83
N SER B 74 -6.35 -6.70 -11.07
CA SER B 74 -5.26 -5.83 -11.58
C SER B 74 -4.49 -5.22 -10.41
N GLY B 75 -3.35 -4.60 -10.70
CA GLY B 75 -2.59 -3.83 -9.71
C GLY B 75 -1.72 -4.69 -8.81
N LYS B 76 -1.13 -4.02 -7.82
CA LYS B 76 -0.14 -4.51 -6.87
C LYS B 76 -0.73 -4.51 -5.49
N HIS B 77 -0.51 -5.58 -4.73
CA HIS B 77 -1.27 -5.87 -3.48
C HIS B 77 -0.39 -6.70 -2.59
N TYR B 78 -0.32 -6.40 -1.31
CA TYR B 78 0.34 -7.33 -0.39
C TYR B 78 -0.30 -7.33 0.98
N TRP B 79 -0.02 -8.40 1.73
CA TRP B 79 -0.52 -8.63 3.10
C TRP B 79 0.50 -9.47 3.85
N GLU B 80 0.41 -9.49 5.18
CA GLU B 80 1.40 -10.15 6.05
C GLU B 80 0.68 -11.16 6.93
N VAL B 81 1.30 -12.32 7.15
CA VAL B 81 0.73 -13.44 7.95
C VAL B 81 1.74 -13.83 9.05
N GLU B 82 1.26 -13.98 10.27
CA GLU B 82 2.06 -14.43 11.44
C GLU B 82 1.90 -15.95 11.53
N VAL B 83 3.00 -16.68 11.45
CA VAL B 83 3.01 -18.16 11.27
C VAL B 83 3.88 -18.78 12.37
N GLU B 84 4.26 -18.01 13.37
CA GLU B 84 5.23 -18.47 14.39
C GLU B 84 4.60 -19.66 15.12
N ASN B 85 5.37 -20.73 15.30
CA ASN B 85 5.02 -21.95 16.08
C ASN B 85 3.88 -22.69 15.39
N VAL B 86 3.77 -22.59 14.06
CA VAL B 86 2.85 -23.42 13.26
C VAL B 86 3.72 -24.32 12.39
N ILE B 87 3.57 -25.63 12.48
CA ILE B 87 4.55 -26.61 11.93
C ILE B 87 4.14 -26.97 10.52
N GLU B 88 2.88 -26.72 10.16
CA GLU B 88 2.39 -27.06 8.81
C GLU B 88 1.45 -25.95 8.34
N TRP B 89 1.87 -25.14 7.36
CA TRP B 89 1.06 -24.02 6.81
C TRP B 89 1.44 -23.77 5.35
N THR B 90 0.49 -23.22 4.62
CA THR B 90 0.65 -22.72 3.24
C THR B 90 -0.01 -21.35 3.17
N VAL B 91 0.67 -20.44 2.49
CA VAL B 91 0.09 -19.10 2.16
C VAL B 91 0.33 -18.85 0.68
N GLY B 92 -0.33 -17.84 0.16
CA GLY B 92 -0.21 -17.49 -1.26
C GLY B 92 -1.52 -16.97 -1.80
N VAL B 93 -1.69 -17.19 -3.09
CA VAL B 93 -2.68 -16.59 -4.01
C VAL B 93 -3.23 -17.73 -4.84
N CYS B 94 -4.53 -17.72 -5.17
CA CYS B 94 -5.12 -18.73 -6.08
C CYS B 94 -6.17 -18.07 -6.98
N ARG B 95 -6.44 -18.64 -8.14
CA ARG B 95 -7.55 -18.12 -8.99
C ARG B 95 -8.88 -18.26 -8.23
N ASP B 96 -9.83 -17.35 -8.47
CA ASP B 96 -11.19 -17.45 -7.88
C ASP B 96 -11.85 -18.75 -8.36
N SER B 97 -11.41 -19.29 -9.50
CA SER B 97 -12.01 -20.44 -10.22
C SER B 97 -11.33 -21.77 -9.85
N VAL B 98 -10.46 -21.84 -8.85
CA VAL B 98 -9.75 -23.13 -8.59
C VAL B 98 -10.80 -24.19 -8.21
N GLU B 99 -10.46 -25.43 -8.46
CA GLU B 99 -11.24 -26.61 -8.03
C GLU B 99 -11.22 -26.64 -6.50
N ARG B 100 -12.39 -26.74 -5.90
CA ARG B 100 -12.60 -26.76 -4.44
C ARG B 100 -12.77 -28.20 -3.95
N LYS B 101 -13.10 -29.15 -4.83
CA LYS B 101 -13.58 -30.51 -4.47
C LYS B 101 -12.49 -31.53 -4.77
N GLY B 102 -12.26 -32.44 -3.83
CA GLY B 102 -11.27 -33.51 -3.95
C GLY B 102 -9.88 -33.06 -3.55
N GLU B 103 -8.88 -33.87 -3.89
CA GLU B 103 -7.46 -33.69 -3.45
C GLU B 103 -6.77 -32.93 -4.57
N VAL B 104 -7.06 -31.65 -4.68
CA VAL B 104 -6.54 -30.87 -5.83
C VAL B 104 -5.04 -30.66 -5.58
N LEU B 105 -4.22 -30.73 -6.61
CA LEU B 105 -2.76 -30.41 -6.47
C LEU B 105 -2.59 -28.87 -6.50
N LEU B 106 -1.95 -28.33 -5.45
CA LEU B 106 -1.73 -26.89 -5.14
C LEU B 106 -0.50 -26.38 -5.89
N ILE B 107 -0.61 -26.34 -7.20
CA ILE B 107 0.51 -26.06 -8.13
C ILE B 107 0.03 -24.97 -9.06
N PRO B 108 0.97 -24.20 -9.66
CA PRO B 108 0.60 -23.15 -10.59
C PRO B 108 -0.34 -23.59 -11.71
N GLN B 109 -0.16 -24.78 -12.31
CA GLN B 109 -0.98 -25.15 -13.50
C GLN B 109 -2.45 -25.30 -13.08
N ASN B 110 -2.74 -25.60 -11.80
CA ASN B 110 -4.11 -25.58 -11.21
C ASN B 110 -4.53 -24.23 -10.59
N GLY B 111 -3.77 -23.14 -10.79
CA GLY B 111 -4.15 -21.79 -10.31
C GLY B 111 -3.83 -21.57 -8.84
N PHE B 112 -2.79 -22.20 -8.31
CA PHE B 112 -2.29 -21.96 -6.94
C PHE B 112 -0.80 -21.56 -6.97
N TRP B 113 -0.47 -20.52 -6.19
CA TRP B 113 0.89 -19.92 -6.07
C TRP B 113 1.20 -19.81 -4.58
N THR B 114 2.02 -20.71 -4.04
CA THR B 114 2.11 -20.96 -2.59
C THR B 114 3.55 -20.96 -2.11
N LEU B 115 3.70 -20.71 -0.83
CA LEU B 115 4.91 -20.97 -0.01
C LEU B 115 4.39 -21.82 1.13
N GLU B 116 5.10 -22.89 1.46
CA GLU B 116 4.63 -23.89 2.45
C GLU B 116 5.73 -24.16 3.48
N MET B 117 5.36 -24.35 4.75
CA MET B 117 6.22 -25.05 5.73
C MET B 117 5.67 -26.46 5.85
N HIS B 118 6.52 -27.46 5.54
CA HIS B 118 6.17 -28.91 5.58
C HIS B 118 7.37 -29.65 6.18
N LYS B 119 7.16 -30.27 7.34
CA LYS B 119 8.17 -31.18 8.00
C LYS B 119 9.50 -30.44 8.19
N GLY B 120 9.43 -29.26 8.79
CA GLY B 120 10.58 -28.45 9.21
C GLY B 120 11.27 -27.73 8.06
N GLN B 121 10.76 -27.83 6.83
CA GLN B 121 11.39 -27.17 5.64
C GLN B 121 10.41 -26.23 4.93
N TYR B 122 10.93 -25.27 4.17
CA TYR B 122 10.10 -24.35 3.36
C TYR B 122 10.17 -24.79 1.92
N ARG B 123 9.00 -24.91 1.31
CA ARG B 123 8.85 -25.39 -0.09
C ARG B 123 8.07 -24.34 -0.86
N ALA B 124 8.59 -24.02 -2.01
CA ALA B 124 7.94 -23.12 -2.98
C ALA B 124 7.00 -23.97 -3.84
N VAL B 125 5.87 -23.36 -4.21
CA VAL B 125 4.81 -23.89 -5.10
C VAL B 125 4.53 -25.35 -4.72
N SER B 126 4.53 -25.56 -3.40
CA SER B 126 4.25 -26.82 -2.69
C SER B 126 4.97 -28.00 -3.39
N SER B 127 6.21 -27.78 -3.87
CA SER B 127 7.00 -28.78 -4.64
C SER B 127 8.10 -29.39 -3.77
N PRO B 128 8.23 -30.75 -3.74
CA PRO B 128 9.33 -31.39 -3.01
C PRO B 128 10.69 -31.08 -3.66
N ASP B 129 10.70 -30.67 -4.93
CA ASP B 129 11.92 -30.34 -5.72
C ASP B 129 12.30 -28.86 -5.62
N ARG B 130 11.69 -28.09 -4.73
CA ARG B 130 11.96 -26.64 -4.57
C ARG B 130 11.97 -26.29 -3.07
N ILE B 131 12.83 -26.97 -2.29
CA ILE B 131 13.16 -26.64 -0.89
C ILE B 131 13.94 -25.32 -0.90
N LEU B 132 13.56 -24.36 -0.05
CA LEU B 132 14.20 -23.03 0.02
C LEU B 132 15.19 -23.06 1.18
N PRO B 133 16.46 -22.69 0.94
CA PRO B 133 17.47 -22.75 1.99
C PRO B 133 17.48 -21.54 2.93
N LEU B 134 16.40 -21.30 3.68
CA LEU B 134 16.35 -20.17 4.65
C LEU B 134 17.19 -20.55 5.86
N LYS B 135 17.75 -19.57 6.54
CA LYS B 135 18.69 -19.78 7.67
C LYS B 135 18.03 -19.32 8.98
N GLU B 136 16.72 -19.06 8.97
CA GLU B 136 15.97 -18.69 10.19
C GLU B 136 14.55 -19.24 10.07
N SER B 137 13.87 -19.38 11.20
CA SER B 137 12.43 -19.74 11.29
C SER B 137 11.61 -18.51 10.89
N LEU B 138 10.77 -18.62 9.88
CA LEU B 138 9.86 -17.52 9.47
C LEU B 138 8.81 -17.33 10.57
N CYS B 139 8.55 -16.07 10.87
CA CYS B 139 7.57 -15.63 11.89
C CYS B 139 6.50 -14.77 11.21
N ARG B 140 6.91 -13.83 10.37
CA ARG B 140 5.94 -12.97 9.68
C ARG B 140 6.30 -12.93 8.19
N VAL B 141 5.39 -13.48 7.39
CA VAL B 141 5.60 -13.68 5.94
C VAL B 141 4.77 -12.67 5.15
N GLY B 142 5.38 -12.00 4.19
CA GLY B 142 4.71 -11.10 3.25
C GLY B 142 4.34 -11.85 2.01
N VAL B 143 3.10 -11.67 1.58
CA VAL B 143 2.55 -12.23 0.32
C VAL B 143 2.27 -11.04 -0.59
N PHE B 144 2.91 -11.04 -1.75
CA PHE B 144 2.87 -9.93 -2.71
C PHE B 144 2.35 -10.44 -4.04
N LEU B 145 1.46 -9.65 -4.63
CA LEU B 145 0.84 -9.88 -5.96
C LEU B 145 1.15 -8.67 -6.83
N ASP B 146 1.63 -8.89 -8.04
CA ASP B 146 1.63 -7.88 -9.12
C ASP B 146 0.93 -8.54 -10.29
N TYR B 147 -0.36 -8.22 -10.45
CA TYR B 147 -1.28 -8.91 -11.37
C TYR B 147 -0.73 -8.85 -12.81
N GLU B 148 -0.43 -7.66 -13.31
CA GLU B 148 -0.04 -7.49 -14.73
C GLU B 148 1.34 -8.12 -14.98
N ALA B 149 2.15 -8.27 -13.94
CA ALA B 149 3.51 -8.85 -13.99
C ALA B 149 3.48 -10.39 -13.92
N GLY B 150 2.32 -11.01 -13.66
CA GLY B 150 2.25 -12.47 -13.43
C GLY B 150 3.00 -12.86 -12.17
N ASP B 151 3.10 -11.96 -11.20
CA ASP B 151 4.06 -12.06 -10.06
C ASP B 151 3.31 -12.38 -8.75
N VAL B 152 3.67 -13.49 -8.14
CA VAL B 152 3.41 -13.78 -6.71
C VAL B 152 4.78 -13.98 -6.04
N SER B 153 5.08 -13.13 -5.06
CA SER B 153 6.35 -13.08 -4.32
C SER B 153 6.08 -13.23 -2.85
N PHE B 154 7.08 -13.77 -2.15
CA PHE B 154 7.03 -13.93 -0.69
C PHE B 154 8.26 -13.24 -0.10
N TYR B 155 8.07 -12.67 1.07
CA TYR B 155 9.04 -11.85 1.81
C TYR B 155 9.12 -12.36 3.25
N ASN B 156 10.32 -12.35 3.81
CA ASN B 156 10.51 -12.46 5.28
C ASN B 156 10.35 -11.05 5.88
N MET B 157 9.29 -10.76 6.62
CA MET B 157 9.00 -9.40 7.10
C MET B 157 9.86 -9.03 8.34
N ARG B 158 10.71 -9.92 8.84
CA ARG B 158 11.67 -9.51 9.92
C ARG B 158 12.62 -8.46 9.35
N ASP B 159 13.21 -8.69 8.18
CA ASP B 159 14.14 -7.74 7.52
C ASP B 159 13.63 -7.34 6.12
N ARG B 160 12.38 -7.68 5.78
CA ARG B 160 11.77 -7.33 4.49
C ARG B 160 12.60 -7.93 3.36
N SER B 161 13.19 -9.10 3.55
CA SER B 161 14.06 -9.74 2.54
C SER B 161 13.21 -10.63 1.59
N HIS B 162 13.49 -10.62 0.28
CA HIS B 162 12.88 -11.53 -0.70
C HIS B 162 13.14 -13.00 -0.33
N ILE B 163 12.09 -13.85 -0.40
CA ILE B 163 12.22 -15.33 -0.24
C ILE B 163 12.12 -15.92 -1.64
N TYR B 164 11.01 -15.68 -2.32
CA TYR B 164 10.71 -16.41 -3.58
C TYR B 164 9.68 -15.64 -4.39
N THR B 165 9.90 -15.67 -5.71
CA THR B 165 8.89 -15.27 -6.71
C THR B 165 8.58 -16.52 -7.56
N CYS B 166 7.32 -16.88 -7.68
CA CYS B 166 6.87 -18.04 -8.50
C CYS B 166 7.17 -17.75 -9.97
N PRO B 167 7.29 -18.79 -10.80
CA PRO B 167 7.34 -18.63 -12.24
C PRO B 167 6.26 -17.66 -12.68
N ARG B 168 6.59 -16.71 -13.57
CA ARG B 168 5.56 -15.75 -14.02
C ARG B 168 4.40 -16.52 -14.65
N SER B 169 3.16 -16.15 -14.34
CA SER B 169 1.91 -16.81 -14.82
C SER B 169 0.90 -15.76 -15.30
N ALA B 170 0.18 -16.07 -16.35
CA ALA B 170 -1.03 -15.38 -16.79
C ALA B 170 -2.14 -15.79 -15.84
N PHE B 171 -2.59 -14.92 -14.96
CA PHE B 171 -3.64 -15.25 -13.96
C PHE B 171 -5.00 -15.42 -14.66
N SER B 172 -5.25 -14.53 -15.59
CA SER B 172 -6.35 -14.56 -16.57
C SER B 172 -7.68 -14.16 -15.89
N VAL B 173 -7.96 -14.67 -14.70
CA VAL B 173 -9.18 -14.37 -13.94
C VAL B 173 -8.78 -13.68 -12.64
N PRO B 174 -9.74 -13.17 -11.84
CA PRO B 174 -9.42 -12.64 -10.52
C PRO B 174 -8.75 -13.70 -9.62
N VAL B 175 -7.86 -13.23 -8.74
CA VAL B 175 -7.16 -14.09 -7.75
C VAL B 175 -7.49 -13.61 -6.34
N ARG B 176 -7.24 -14.46 -5.36
CA ARG B 176 -7.65 -14.25 -3.98
C ARG B 176 -6.52 -14.71 -3.08
N PRO B 177 -6.43 -14.16 -1.87
CA PRO B 177 -5.57 -14.70 -0.82
C PRO B 177 -5.97 -16.15 -0.54
N PHE B 178 -4.94 -17.01 -0.42
CA PHE B 178 -5.05 -18.47 -0.18
C PHE B 178 -4.31 -18.80 1.09
N PHE B 179 -4.90 -19.69 1.90
CA PHE B 179 -4.33 -20.19 3.17
C PHE B 179 -4.65 -21.68 3.33
N ARG B 180 -3.71 -22.45 3.86
CA ARG B 180 -3.88 -23.90 4.18
C ARG B 180 -3.24 -24.16 5.55
N LEU B 181 -3.88 -24.99 6.38
CA LEU B 181 -3.31 -25.47 7.66
C LEU B 181 -3.30 -27.00 7.63
N GLY B 182 -2.13 -27.58 7.91
CA GLY B 182 -1.87 -29.04 7.85
C GLY B 182 -1.56 -29.60 9.22
N CYS B 183 -1.76 -28.83 10.27
CA CYS B 183 -1.49 -29.23 11.67
C CYS B 183 -2.68 -28.77 12.50
N GLU B 184 -2.73 -29.13 13.78
CA GLU B 184 -3.93 -28.98 14.63
C GLU B 184 -3.66 -27.94 15.70
N ASP B 185 -4.67 -27.16 16.07
CA ASP B 185 -4.67 -26.27 17.26
C ASP B 185 -3.49 -25.30 17.24
N SER B 186 -3.04 -24.89 16.05
CA SER B 186 -1.91 -23.95 15.82
C SER B 186 -2.41 -22.85 14.89
N PRO B 187 -2.78 -21.68 15.43
CA PRO B 187 -3.45 -20.64 14.65
C PRO B 187 -2.46 -19.82 13.82
N ILE B 188 -2.82 -19.45 12.60
CA ILE B 188 -2.11 -18.36 11.87
C ILE B 188 -2.95 -17.09 12.03
N PHE B 189 -2.30 -15.94 11.96
CA PHE B 189 -2.95 -14.60 12.09
C PHE B 189 -2.61 -13.76 10.86
N ILE B 190 -3.61 -13.14 10.28
CA ILE B 190 -3.46 -12.22 9.12
C ILE B 190 -3.40 -10.82 9.71
N CYS B 191 -2.27 -10.15 9.50
CA CYS B 191 -1.96 -8.81 10.03
C CYS B 191 -2.92 -7.83 9.40
N PRO B 192 -3.77 -7.21 10.22
CA PRO B 192 -4.64 -6.15 9.74
C PRO B 192 -3.85 -5.03 9.10
N ALA B 193 -4.36 -4.43 8.03
CA ALA B 193 -3.79 -3.17 7.50
C ALA B 193 -3.74 -2.16 8.65
N LEU B 194 -2.70 -1.34 8.72
CA LEU B 194 -2.62 -0.24 9.72
C LEU B 194 -3.74 0.77 9.50
N THR B 195 -4.29 1.31 10.58
CA THR B 195 -5.44 2.23 10.49
C THR B 195 -5.22 3.49 11.32
N GLY B 196 -4.09 3.59 11.99
CA GLY B 196 -3.82 4.83 12.77
C GLY B 196 -4.85 4.95 13.87
N ALA B 197 -5.35 6.15 14.15
CA ALA B 197 -6.36 6.34 15.22
C ALA B 197 -7.78 6.20 14.64
N ASN B 198 -7.98 5.42 13.59
CA ASN B 198 -9.30 5.33 12.90
C ASN B 198 -10.31 4.81 13.92
N GLY B 199 -11.36 5.58 14.21
CA GLY B 199 -12.43 5.09 15.10
C GLY B 199 -12.13 5.37 16.56
N VAL B 200 -11.12 6.18 16.85
CA VAL B 200 -10.66 6.38 18.25
C VAL B 200 -10.52 7.87 18.53
N THR B 201 -10.93 8.31 19.71
CA THR B 201 -10.68 9.70 20.20
C THR B 201 -9.17 9.89 20.33
N VAL B 202 -8.60 10.90 19.68
CA VAL B 202 -7.22 11.33 19.94
C VAL B 202 -7.24 12.49 20.93
N PRO B 203 -6.77 12.28 22.17
CA PRO B 203 -6.58 13.39 23.12
C PRO B 203 -5.70 14.50 22.54
N GLU B 204 -5.82 15.68 23.08
CA GLU B 204 -5.09 16.88 22.57
C GLU B 204 -3.58 16.78 22.84
N GLU B 205 -3.13 15.89 23.70
CA GLU B 205 -1.68 15.60 23.86
C GLU B 205 -1.26 14.43 22.95
N GLY B 206 -2.18 13.86 22.16
CA GLY B 206 -1.94 12.69 21.30
C GLY B 206 -2.44 11.43 22.01
N LEU B 207 -2.48 10.34 21.27
CA LEU B 207 -2.88 8.99 21.66
C LEU B 207 -1.60 8.18 21.83
N THR B 208 -1.38 7.57 22.98
CA THR B 208 -0.11 6.89 23.32
C THR B 208 -0.32 5.40 23.49
N LEU B 209 0.43 4.59 22.74
CA LEU B 209 0.48 3.12 22.93
C LEU B 209 -0.95 2.55 22.96
N HIS B 210 -1.75 2.88 21.95
CA HIS B 210 -3.11 2.33 21.75
C HIS B 210 -3.00 0.82 21.60
N ARG B 211 -3.80 0.10 22.38
CA ARG B 211 -3.97 -1.39 22.37
C ARG B 211 -5.47 -1.70 22.17
N VAL B 212 -5.84 -2.85 21.61
CA VAL B 212 -7.27 -3.28 21.49
C VAL B 212 -7.38 -4.76 21.88
N LYS C 9 25.47 -15.61 -47.56
CA LYS C 9 25.53 -14.20 -47.00
C LYS C 9 24.92 -13.22 -48.01
N ALA C 10 25.49 -13.18 -49.22
CA ALA C 10 25.15 -12.26 -50.34
C ALA C 10 23.65 -12.31 -50.63
N LEU C 11 23.00 -13.46 -50.32
CA LEU C 11 21.55 -13.71 -50.54
C LEU C 11 20.70 -12.86 -49.58
N PHE C 12 21.29 -12.35 -48.50
CA PHE C 12 20.58 -11.63 -47.41
C PHE C 12 20.79 -10.13 -47.60
N LYS C 13 19.74 -9.41 -48.01
CA LYS C 13 19.75 -7.93 -48.18
C LYS C 13 20.00 -7.27 -46.82
N PRO C 14 21.03 -6.40 -46.65
CA PRO C 14 21.17 -5.59 -45.42
C PRO C 14 19.89 -4.78 -45.16
N ALA C 15 19.24 -4.98 -44.01
CA ALA C 15 18.07 -4.18 -43.60
C ALA C 15 18.55 -2.87 -42.97
N ASP C 16 17.78 -1.80 -43.18
CA ASP C 16 18.06 -0.46 -42.60
C ASP C 16 17.18 -0.34 -41.37
N VAL C 17 17.70 -0.68 -40.18
CA VAL C 17 16.75 -0.87 -39.03
C VAL C 17 16.80 0.38 -38.15
N ILE C 18 15.64 1.01 -37.95
CA ILE C 18 15.53 2.21 -37.06
C ILE C 18 14.47 1.92 -35.98
N LEU C 19 14.80 2.27 -34.74
CA LEU C 19 13.92 2.12 -33.55
C LEU C 19 12.72 3.06 -33.63
N ASP C 20 11.54 2.55 -33.34
CA ASP C 20 10.25 3.29 -33.39
C ASP C 20 9.93 3.75 -31.95
N PRO C 21 10.16 5.04 -31.58
CA PRO C 21 9.90 5.55 -30.22
C PRO C 21 8.47 5.32 -29.77
N LYS C 22 7.49 5.30 -30.67
CA LYS C 22 6.07 5.06 -30.30
C LYS C 22 5.89 3.65 -29.68
N THR C 23 6.85 2.73 -29.89
CA THR C 23 6.77 1.32 -29.43
C THR C 23 7.54 1.13 -28.11
N ALA C 24 8.50 2.01 -27.81
CA ALA C 24 9.45 1.80 -26.69
C ALA C 24 8.76 1.94 -25.33
N ASN C 25 9.06 1.00 -24.42
N ASN C 25 8.95 0.93 -24.46
CA ASN C 25 8.58 1.04 -23.01
CA ASN C 25 8.56 1.02 -23.03
C ASN C 25 9.09 2.36 -22.41
C ASN C 25 9.01 2.40 -22.57
N PRO C 26 8.21 3.15 -21.75
CA PRO C 26 8.62 4.42 -21.16
C PRO C 26 9.95 4.49 -20.41
N ILE C 27 10.49 3.35 -19.96
CA ILE C 27 11.79 3.36 -19.25
C ILE C 27 12.94 3.28 -20.26
N LEU C 28 12.63 3.17 -21.55
CA LEU C 28 13.70 3.16 -22.59
C LEU C 28 13.91 4.58 -23.15
N LEU C 29 15.16 4.93 -23.46
CA LEU C 29 15.56 6.18 -24.23
C LEU C 29 16.11 5.82 -25.62
N VAL C 30 15.38 6.11 -26.67
CA VAL C 30 15.84 5.91 -28.08
C VAL C 30 16.69 7.15 -28.45
N SER C 31 17.96 6.98 -28.82
CA SER C 31 18.83 8.05 -29.39
C SER C 31 18.09 8.86 -30.47
N GLU C 32 18.56 10.08 -30.74
CA GLU C 32 17.94 11.01 -31.73
C GLU C 32 18.00 10.40 -33.14
N ASP C 33 19.10 9.74 -33.46
CA ASP C 33 19.31 9.04 -34.76
C ASP C 33 18.51 7.72 -34.87
N GLN C 34 17.80 7.27 -33.82
CA GLN C 34 16.91 6.08 -33.85
C GLN C 34 17.72 4.78 -34.08
N ARG C 35 19.00 4.72 -33.72
CA ARG C 35 19.89 3.54 -33.89
C ARG C 35 20.26 2.89 -32.56
N SER C 36 20.14 3.61 -31.45
CA SER C 36 20.66 3.08 -30.17
C SER C 36 19.60 3.24 -29.08
N VAL C 37 19.68 2.43 -28.05
CA VAL C 37 18.68 2.45 -26.95
C VAL C 37 19.44 2.24 -25.66
N GLN C 38 19.09 3.08 -24.67
CA GLN C 38 19.57 3.01 -23.28
C GLN C 38 18.35 2.92 -22.35
N ARG C 39 18.59 2.54 -21.11
CA ARG C 39 17.53 2.62 -20.07
C ARG C 39 17.62 3.94 -19.28
N ALA C 40 16.49 4.63 -19.09
CA ALA C 40 16.27 5.65 -18.02
C ALA C 40 16.28 5.00 -16.63
N LYS C 41 16.55 5.80 -15.60
CA LYS C 41 16.50 5.35 -14.17
C LYS C 41 15.06 4.95 -13.87
N GLU C 42 14.09 5.71 -14.37
CA GLU C 42 12.66 5.56 -14.04
C GLU C 42 11.87 5.82 -15.30
N PRO C 43 10.67 5.25 -15.40
CA PRO C 43 9.84 5.47 -16.58
C PRO C 43 9.61 6.98 -16.82
N GLN C 44 9.56 7.39 -18.08
CA GLN C 44 9.24 8.78 -18.48
C GLN C 44 7.72 8.93 -18.54
N ASP C 45 7.25 10.17 -18.67
CA ASP C 45 5.80 10.48 -18.74
C ASP C 45 5.40 10.43 -20.21
N LEU C 46 5.00 9.26 -20.73
CA LEU C 46 4.61 9.09 -22.15
C LEU C 46 3.20 8.55 -22.25
N PRO C 47 2.48 8.77 -23.38
CA PRO C 47 1.18 8.16 -23.55
C PRO C 47 1.35 6.63 -23.60
N ASP C 48 0.34 5.90 -23.12
CA ASP C 48 0.20 4.44 -23.30
C ASP C 48 -0.60 4.18 -24.58
N ASN C 49 -0.11 4.67 -25.72
CA ASN C 49 -0.74 4.39 -27.05
C ASN C 49 -0.61 2.90 -27.38
N PRO C 50 -1.50 2.37 -28.24
CA PRO C 50 -1.58 0.92 -28.49
C PRO C 50 -0.27 0.27 -28.97
N GLU C 51 0.65 1.04 -29.55
CA GLU C 51 1.88 0.49 -30.17
C GLU C 51 2.90 0.25 -29.06
N ARG C 52 2.71 0.82 -27.87
CA ARG C 52 3.84 0.89 -26.93
C ARG C 52 3.87 -0.38 -26.08
N PHE C 53 5.05 -0.95 -25.83
CA PHE C 53 5.20 -2.03 -24.83
C PHE C 53 5.07 -1.37 -23.45
N ASN C 54 4.09 -1.77 -22.66
CA ASN C 54 3.83 -1.03 -21.40
C ASN C 54 4.41 -1.81 -20.21
N TRP C 55 4.90 -3.05 -20.39
CA TRP C 55 5.47 -3.89 -19.28
C TRP C 55 6.90 -4.34 -19.64
N HIS C 56 7.06 -5.07 -20.73
CA HIS C 56 8.39 -5.50 -21.18
C HIS C 56 9.19 -4.28 -21.63
N TYR C 57 10.49 -4.32 -21.40
CA TYR C 57 11.43 -3.21 -21.64
C TYR C 57 11.93 -3.35 -23.08
N CYS C 58 10.99 -3.32 -24.01
CA CYS C 58 11.20 -3.62 -25.45
C CYS C 58 10.96 -2.37 -26.31
N VAL C 59 11.55 -2.37 -27.51
CA VAL C 59 11.29 -1.42 -28.63
C VAL C 59 11.45 -2.16 -29.97
N LEU C 60 10.55 -1.89 -30.93
CA LEU C 60 10.58 -2.43 -32.32
C LEU C 60 11.28 -1.49 -33.29
N GLY C 61 11.70 -2.03 -34.44
CA GLY C 61 12.02 -1.25 -35.64
C GLY C 61 10.77 -0.65 -36.20
N CYS C 62 10.90 0.30 -37.13
CA CYS C 62 9.73 0.96 -37.75
C CYS C 62 9.15 0.07 -38.84
N GLU C 63 10.04 -0.63 -39.53
CA GLU C 63 9.72 -1.47 -40.73
C GLU C 63 9.57 -2.91 -40.27
N SER C 64 8.53 -3.62 -40.73
CA SER C 64 8.36 -5.08 -40.51
C SER C 64 8.76 -5.86 -41.78
N PHE C 65 9.22 -7.12 -41.61
CA PHE C 65 9.54 -8.04 -42.73
C PHE C 65 8.32 -8.91 -43.11
N ILE C 66 8.02 -8.96 -44.41
CA ILE C 66 6.85 -9.69 -44.96
C ILE C 66 7.29 -10.74 -46.00
N SER C 67 8.55 -10.77 -46.45
CA SER C 67 9.04 -11.73 -47.46
C SER C 67 10.52 -11.46 -47.60
N GLY C 68 11.28 -12.40 -48.18
CA GLY C 68 12.69 -12.18 -48.57
C GLY C 68 13.68 -12.49 -47.48
N ARG C 69 14.95 -12.34 -47.79
CA ARG C 69 16.09 -12.59 -46.89
C ARG C 69 16.73 -11.27 -46.47
N HIS C 70 17.01 -11.14 -45.18
CA HIS C 70 17.38 -9.85 -44.54
C HIS C 70 18.46 -10.09 -43.51
N TYR C 71 19.32 -9.11 -43.34
CA TYR C 71 20.46 -9.14 -42.40
C TYR C 71 20.54 -7.76 -41.72
N TRP C 72 20.75 -7.77 -40.42
CA TRP C 72 21.19 -6.57 -39.69
C TRP C 72 22.12 -7.00 -38.58
N GLU C 73 22.81 -6.02 -38.03
CA GLU C 73 23.91 -6.29 -37.10
C GLU C 73 23.70 -5.37 -35.89
N VAL C 74 23.96 -5.89 -34.71
CA VAL C 74 23.67 -5.15 -33.45
C VAL C 74 24.96 -5.14 -32.66
N GLU C 75 25.38 -3.95 -32.26
CA GLU C 75 26.51 -3.85 -31.33
C GLU C 75 25.96 -3.94 -29.91
N VAL C 76 26.31 -5.03 -29.25
CA VAL C 76 25.97 -5.29 -27.84
C VAL C 76 27.15 -4.87 -26.98
N GLY C 77 28.35 -4.78 -27.56
CA GLY C 77 29.58 -4.43 -26.81
C GLY C 77 29.71 -5.28 -25.57
N ASP C 78 30.11 -4.68 -24.44
CA ASP C 78 30.24 -5.40 -23.15
C ASP C 78 29.03 -5.16 -22.23
N ARG C 79 27.88 -4.75 -22.78
CA ARG C 79 26.59 -4.83 -22.03
C ARG C 79 26.45 -6.20 -21.33
N LYS C 80 25.99 -6.21 -20.09
CA LYS C 80 25.80 -7.46 -19.30
C LYS C 80 24.38 -8.05 -19.51
N GLU C 81 23.47 -7.31 -20.13
CA GLU C 81 22.06 -7.73 -20.28
C GLU C 81 21.51 -7.14 -21.57
N TRP C 82 20.97 -8.02 -22.43
CA TRP C 82 20.31 -7.64 -23.71
C TRP C 82 19.61 -8.87 -24.31
N HIS C 83 18.55 -8.65 -25.07
CA HIS C 83 17.88 -9.73 -25.83
C HIS C 83 17.44 -9.07 -27.12
N ILE C 84 17.58 -9.81 -28.23
CA ILE C 84 17.20 -9.29 -29.57
C ILE C 84 16.61 -10.45 -30.40
N GLY C 85 15.94 -10.09 -31.50
CA GLY C 85 15.45 -11.01 -32.52
C GLY C 85 14.34 -10.34 -33.25
N VAL C 86 13.27 -11.08 -33.45
CA VAL C 86 12.06 -10.50 -34.02
C VAL C 86 10.84 -10.93 -33.23
N CYS C 87 9.73 -10.28 -33.55
CA CYS C 87 8.45 -10.62 -32.98
C CYS C 87 7.39 -10.29 -34.02
N SER C 88 6.28 -11.00 -33.96
CA SER C 88 5.07 -10.77 -34.77
C SER C 88 4.48 -9.40 -34.42
N LYS C 89 3.82 -8.84 -35.43
CA LYS C 89 3.10 -7.56 -35.36
C LYS C 89 2.06 -7.63 -34.25
N ASN C 90 1.46 -8.80 -34.07
CA ASN C 90 0.26 -9.04 -33.25
C ASN C 90 0.64 -9.49 -31.83
N VAL C 91 1.89 -9.40 -31.41
CA VAL C 91 2.25 -9.84 -30.03
C VAL C 91 1.46 -9.00 -29.05
N GLN C 92 1.28 -9.52 -27.84
CA GLN C 92 0.68 -8.75 -26.72
C GLN C 92 1.73 -7.75 -26.24
N ARG C 93 1.35 -6.47 -26.19
CA ARG C 93 2.26 -5.35 -25.82
C ARG C 93 1.89 -4.82 -24.43
N LYS C 94 0.73 -5.19 -23.91
CA LYS C 94 0.19 -4.69 -22.64
C LYS C 94 0.25 -5.82 -21.62
N GLY C 95 1.02 -5.62 -20.53
CA GLY C 95 1.16 -6.57 -19.41
C GLY C 95 2.20 -7.62 -19.73
N TRP C 96 2.76 -8.32 -18.74
CA TRP C 96 3.73 -9.39 -19.02
C TRP C 96 3.13 -10.46 -19.97
N VAL C 97 3.93 -10.93 -20.91
CA VAL C 97 3.65 -12.23 -21.58
C VAL C 97 5.04 -12.87 -21.72
N LYS C 98 5.11 -14.19 -21.74
CA LYS C 98 6.40 -14.86 -21.91
C LYS C 98 6.86 -14.64 -23.34
N MET C 99 8.07 -14.16 -23.45
CA MET C 99 8.72 -13.98 -24.74
C MET C 99 9.22 -15.33 -25.17
N THR C 100 8.41 -15.97 -26.01
CA THR C 100 8.66 -17.31 -26.59
C THR C 100 8.01 -17.36 -27.96
N PRO C 101 8.42 -18.31 -28.84
CA PRO C 101 7.83 -18.46 -30.17
C PRO C 101 6.32 -18.61 -30.18
N GLU C 102 5.76 -19.37 -29.25
CA GLU C 102 4.31 -19.54 -29.11
C GLU C 102 3.61 -18.20 -28.88
N ASN C 103 4.22 -17.21 -28.21
CA ASN C 103 3.56 -15.88 -28.04
C ASN C 103 4.03 -14.91 -29.14
N GLY C 104 4.80 -15.39 -30.14
CA GLY C 104 5.28 -14.62 -31.32
C GLY C 104 6.60 -13.90 -31.11
N PHE C 105 7.48 -14.32 -30.21
CA PHE C 105 8.83 -13.72 -30.10
C PHE C 105 9.87 -14.81 -30.40
N TRP C 106 10.87 -14.44 -31.19
CA TRP C 106 12.05 -15.24 -31.53
C TRP C 106 13.27 -14.43 -31.20
N THR C 107 13.79 -14.61 -29.99
CA THR C 107 14.84 -13.77 -29.42
C THR C 107 15.83 -14.63 -28.64
N MET C 108 17.06 -14.11 -28.52
CA MET C 108 18.09 -14.70 -27.64
C MET C 108 18.90 -13.58 -26.99
N GLY C 109 19.71 -13.92 -26.00
CA GLY C 109 20.58 -12.86 -25.48
C GLY C 109 21.28 -13.26 -24.24
N LEU C 110 21.57 -12.24 -23.42
CA LEU C 110 22.53 -12.34 -22.30
C LEU C 110 21.87 -11.74 -21.06
N THR C 111 22.04 -12.43 -19.94
CA THR C 111 21.61 -11.99 -18.62
C THR C 111 22.76 -12.24 -17.64
N ASP C 112 22.89 -11.37 -16.64
CA ASP C 112 23.84 -11.52 -15.50
C ASP C 112 25.26 -11.57 -16.07
N GLY C 113 25.59 -10.77 -17.10
CA GLY C 113 26.98 -10.66 -17.60
C GLY C 113 27.45 -11.85 -18.42
N ASN C 114 27.16 -13.11 -18.03
CA ASN C 114 27.71 -14.31 -18.71
C ASN C 114 26.71 -15.48 -18.91
N LYS C 115 25.38 -15.28 -18.93
CA LYS C 115 24.38 -16.37 -19.11
C LYS C 115 23.57 -16.07 -20.37
N TYR C 116 24.00 -16.66 -21.47
CA TYR C 116 23.46 -16.48 -22.85
C TYR C 116 22.30 -17.47 -22.93
N ARG C 117 21.17 -17.03 -23.42
CA ARG C 117 19.99 -17.92 -23.44
C ARG C 117 19.31 -17.80 -24.79
N THR C 118 18.64 -18.86 -25.21
CA THR C 118 17.54 -18.75 -26.20
C THR C 118 16.25 -18.58 -25.40
N LEU C 119 15.41 -17.60 -25.77
CA LEU C 119 14.12 -17.34 -25.06
C LEU C 119 13.05 -18.19 -25.72
N THR C 120 13.08 -19.46 -25.41
CA THR C 120 12.09 -20.42 -25.90
C THR C 120 11.47 -21.04 -24.67
N GLU C 121 10.60 -21.99 -24.91
CA GLU C 121 9.89 -22.68 -23.86
C GLU C 121 10.31 -24.16 -23.87
N PRO C 122 11.07 -24.63 -22.85
CA PRO C 122 11.60 -23.80 -21.77
C PRO C 122 12.87 -23.10 -22.22
N ARG C 123 13.38 -22.13 -21.43
CA ARG C 123 14.61 -21.38 -21.81
C ARG C 123 15.75 -22.40 -21.89
N THR C 124 16.73 -22.22 -22.78
CA THR C 124 17.97 -23.01 -22.71
C THR C 124 19.16 -22.07 -22.73
N ASN C 125 20.21 -22.57 -22.09
N ASN C 125 20.19 -22.51 -22.02
CA ASN C 125 21.50 -21.90 -21.90
CA ASN C 125 21.50 -21.82 -21.86
C ASN C 125 22.34 -22.15 -23.16
C ASN C 125 22.31 -22.13 -23.12
N LEU C 126 22.83 -21.10 -23.79
CA LEU C 126 23.64 -21.24 -25.03
C LEU C 126 25.14 -21.29 -24.67
N LYS C 127 25.92 -22.16 -25.33
CA LYS C 127 27.40 -22.20 -25.24
C LYS C 127 28.03 -21.24 -26.26
N LEU C 128 28.65 -20.18 -25.77
CA LEU C 128 29.44 -19.20 -26.56
C LEU C 128 30.90 -19.31 -26.13
N PRO C 129 31.80 -19.76 -27.02
CA PRO C 129 33.23 -19.81 -26.70
C PRO C 129 33.78 -18.38 -26.52
N LYS C 130 33.33 -17.44 -27.35
CA LYS C 130 33.70 -16.00 -27.25
C LYS C 130 32.44 -15.21 -26.88
N PRO C 131 32.48 -14.32 -25.87
CA PRO C 131 31.47 -13.26 -25.76
C PRO C 131 31.43 -12.38 -27.02
N PRO C 132 30.32 -12.41 -27.77
CA PRO C 132 30.17 -11.53 -28.91
C PRO C 132 30.02 -10.05 -28.52
N LYS C 133 30.51 -9.15 -29.38
CA LYS C 133 30.44 -7.68 -29.21
C LYS C 133 29.50 -7.15 -30.28
N LYS C 134 29.40 -7.91 -31.35
CA LYS C 134 28.54 -7.59 -32.51
C LYS C 134 27.84 -8.90 -32.84
N VAL C 135 26.54 -8.83 -33.05
CA VAL C 135 25.70 -10.01 -33.36
C VAL C 135 25.05 -9.73 -34.71
N GLY C 136 25.22 -10.64 -35.66
CA GLY C 136 24.53 -10.59 -36.95
C GLY C 136 23.28 -11.43 -36.88
N VAL C 137 22.20 -10.90 -37.42
CA VAL C 137 20.86 -11.50 -37.38
C VAL C 137 20.45 -11.72 -38.81
N PHE C 138 20.23 -12.98 -39.19
CA PHE C 138 19.85 -13.39 -40.55
C PHE C 138 18.46 -13.95 -40.48
N LEU C 139 17.57 -13.37 -41.26
CA LEU C 139 16.16 -13.76 -41.36
C LEU C 139 15.91 -14.23 -42.80
N ASP C 140 15.42 -15.45 -42.96
CA ASP C 140 14.91 -15.96 -44.24
C ASP C 140 13.42 -16.18 -44.07
N TYR C 141 12.60 -15.22 -44.51
CA TYR C 141 11.17 -15.18 -44.18
C TYR C 141 10.49 -16.50 -44.62
N GLU C 142 10.74 -16.94 -45.85
CA GLU C 142 9.96 -18.01 -46.51
C GLU C 142 10.21 -19.36 -45.80
N THR C 143 11.46 -19.61 -45.36
CA THR C 143 11.90 -20.84 -44.66
C THR C 143 11.78 -20.72 -43.12
N GLY C 144 11.12 -19.66 -42.62
CA GLY C 144 10.80 -19.41 -41.19
C GLY C 144 12.01 -19.57 -40.31
N ASP C 145 13.17 -19.07 -40.76
CA ASP C 145 14.49 -19.22 -40.14
C ASP C 145 14.95 -17.85 -39.62
N ILE C 146 15.41 -17.75 -38.36
CA ILE C 146 16.24 -16.60 -37.91
C ILE C 146 17.43 -17.20 -37.23
N SER C 147 18.60 -16.76 -37.65
CA SER C 147 19.92 -17.23 -37.18
C SER C 147 20.71 -16.04 -36.66
N PHE C 148 21.42 -16.30 -35.57
CA PHE C 148 22.27 -15.38 -34.80
C PHE C 148 23.70 -15.85 -34.95
N TYR C 149 24.59 -14.91 -35.28
CA TYR C 149 26.01 -15.15 -35.49
C TYR C 149 26.79 -14.08 -34.73
N ASN C 150 27.96 -14.45 -34.20
CA ASN C 150 29.08 -13.50 -33.92
C ASN C 150 29.52 -12.81 -35.23
N ALA C 151 29.21 -11.53 -35.40
CA ALA C 151 29.46 -10.80 -36.66
C ALA C 151 30.96 -10.50 -36.85
N VAL C 152 31.80 -10.72 -35.83
CA VAL C 152 33.27 -10.47 -35.91
C VAL C 152 33.97 -11.72 -36.48
N ASP C 153 33.90 -12.88 -35.81
CA ASP C 153 34.63 -14.11 -36.21
C ASP C 153 33.71 -15.05 -37.02
N GLY C 154 32.52 -14.58 -37.42
CA GLY C 154 31.52 -15.30 -38.24
C GLY C 154 30.93 -16.57 -37.63
N SER C 155 31.26 -16.95 -36.37
CA SER C 155 30.75 -18.19 -35.73
C SER C 155 29.23 -18.12 -35.41
N HIS C 156 28.59 -19.28 -35.38
CA HIS C 156 27.12 -19.46 -35.23
C HIS C 156 26.77 -19.40 -33.74
N ILE C 157 25.63 -18.78 -33.41
CA ILE C 157 25.17 -18.72 -32.00
C ILE C 157 23.92 -19.56 -31.87
N HIS C 158 22.91 -19.35 -32.72
CA HIS C 158 21.63 -20.03 -32.50
C HIS C 158 20.71 -19.77 -33.68
N THR C 159 19.85 -20.75 -33.95
CA THR C 159 18.86 -20.68 -35.04
C THR C 159 17.52 -21.12 -34.49
N PHE C 160 16.49 -20.38 -34.84
CA PHE C 160 15.09 -20.81 -34.83
C PHE C 160 14.70 -21.15 -36.26
N LEU C 161 14.04 -22.31 -36.48
CA LEU C 161 13.44 -22.71 -37.77
C LEU C 161 11.95 -22.78 -37.61
N ASP C 162 11.40 -22.11 -36.60
CA ASP C 162 9.94 -22.07 -36.36
C ASP C 162 9.44 -20.61 -36.35
N VAL C 163 10.03 -19.72 -37.13
CA VAL C 163 9.51 -18.32 -37.23
C VAL C 163 8.21 -18.32 -38.04
N SER C 164 7.19 -17.57 -37.62
CA SER C 164 5.94 -17.34 -38.38
C SER C 164 6.31 -16.94 -39.82
N PHE C 165 5.60 -17.46 -40.82
CA PHE C 165 5.68 -16.99 -42.25
C PHE C 165 4.28 -16.55 -42.68
N SER C 166 3.43 -16.23 -41.72
CA SER C 166 2.07 -15.67 -41.95
C SER C 166 1.91 -14.31 -41.26
N GLU C 167 2.89 -13.82 -40.51
CA GLU C 167 2.76 -12.54 -39.75
C GLU C 167 3.90 -11.63 -40.17
N ALA C 168 3.67 -10.33 -40.21
CA ALA C 168 4.74 -9.34 -40.36
C ALA C 168 5.62 -9.42 -39.11
N LEU C 169 6.94 -9.42 -39.28
CA LEU C 169 7.94 -9.57 -38.21
C LEU C 169 8.73 -8.27 -38.01
N TYR C 170 8.74 -7.72 -36.79
CA TYR C 170 9.57 -6.56 -36.41
C TYR C 170 10.84 -7.00 -35.73
N PRO C 171 12.01 -6.39 -36.03
CA PRO C 171 13.15 -6.48 -35.16
C PRO C 171 12.70 -5.98 -33.78
N VAL C 172 13.22 -6.57 -32.72
CA VAL C 172 12.80 -6.31 -31.32
C VAL C 172 14.09 -6.35 -30.53
N PHE C 173 14.18 -5.49 -29.52
CA PHE C 173 15.35 -5.27 -28.65
C PHE C 173 14.83 -5.09 -27.21
N ARG C 174 15.53 -5.65 -26.25
CA ARG C 174 15.09 -5.60 -24.83
C ARG C 174 16.33 -5.45 -23.94
N ILE C 175 16.27 -4.49 -23.02
CA ILE C 175 17.32 -4.26 -21.97
C ILE C 175 16.63 -3.96 -20.63
N LEU C 176 17.04 -4.68 -19.62
CA LEU C 176 16.54 -4.56 -18.23
C LEU C 176 17.47 -3.63 -17.43
N THR C 177 18.78 -3.62 -17.69
CA THR C 177 19.81 -3.02 -16.80
C THR C 177 20.07 -1.56 -17.15
N LEU C 178 20.62 -0.85 -16.18
CA LEU C 178 21.07 0.57 -16.29
C LEU C 178 22.59 0.47 -16.25
N GLU C 179 23.25 0.69 -17.38
CA GLU C 179 24.71 0.56 -17.55
C GLU C 179 25.19 1.48 -18.68
N PRO C 180 26.51 1.74 -18.70
CA PRO C 180 27.11 2.68 -19.66
C PRO C 180 26.87 2.37 -21.14
N THR C 181 27.08 1.10 -21.53
CA THR C 181 27.01 0.69 -22.94
C THR C 181 25.56 0.67 -23.41
N ALA C 182 25.27 1.43 -24.48
CA ALA C 182 23.99 1.37 -25.20
C ALA C 182 23.91 0.05 -26.00
N LEU C 183 22.73 -0.24 -26.53
CA LEU C 183 22.53 -1.27 -27.54
C LEU C 183 22.32 -0.53 -28.87
N THR C 184 23.11 -0.84 -29.91
CA THR C 184 23.22 0.03 -31.12
C THR C 184 23.10 -0.81 -32.40
N ILE C 185 22.16 -0.46 -33.28
CA ILE C 185 22.05 -1.01 -34.66
C ILE C 185 23.18 -0.39 -35.53
N CYS C 186 24.02 -1.23 -36.13
CA CYS C 186 24.96 -0.87 -37.24
C CYS C 186 24.12 -0.50 -38.48
N PRO C 187 24.19 0.75 -38.99
CA PRO C 187 23.31 1.18 -40.08
C PRO C 187 23.59 0.36 -41.36
N ALA C 188 22.59 0.15 -42.22
CA ALA C 188 22.74 -0.63 -43.47
C ALA C 188 23.94 -0.07 -44.25
N LEU C 189 24.99 -0.88 -44.46
CA LEU C 189 26.34 -0.43 -44.89
C LEU C 189 27.25 -1.65 -45.10
N ALA D 10 -42.50 23.71 31.78
CA ALA D 10 -42.25 23.95 30.33
C ALA D 10 -41.98 25.45 30.10
N LEU D 11 -40.74 25.78 29.73
CA LEU D 11 -40.29 27.11 29.20
C LEU D 11 -39.80 26.93 27.76
N PHE D 12 -39.60 25.68 27.32
CA PHE D 12 -39.00 25.28 26.01
C PHE D 12 -39.98 24.35 25.28
N LYS D 13 -40.29 24.65 24.02
CA LYS D 13 -41.12 23.81 23.12
C LYS D 13 -40.44 22.45 22.96
N PRO D 14 -41.05 21.31 23.40
CA PRO D 14 -40.44 19.99 23.20
C PRO D 14 -40.31 19.74 21.69
N ALA D 15 -39.13 19.33 21.24
CA ALA D 15 -38.85 19.11 19.80
C ALA D 15 -39.13 17.64 19.49
N ASP D 16 -39.64 17.40 18.29
CA ASP D 16 -39.87 16.02 17.79
C ASP D 16 -38.69 15.66 16.90
N VAL D 17 -37.66 15.02 17.45
CA VAL D 17 -36.37 14.85 16.71
C VAL D 17 -36.38 13.48 16.05
N ILE D 18 -36.25 13.49 14.74
CA ILE D 18 -36.16 12.26 13.90
C ILE D 18 -34.77 12.27 13.24
N LEU D 19 -34.04 11.16 13.32
CA LEU D 19 -32.69 11.02 12.71
C LEU D 19 -32.81 11.01 11.20
N ASP D 20 -31.97 11.78 10.52
CA ASP D 20 -31.94 11.87 9.04
C ASP D 20 -30.89 10.87 8.52
N PRO D 21 -31.35 9.68 8.04
CA PRO D 21 -30.44 8.67 7.51
C PRO D 21 -29.59 9.20 6.35
N LYS D 22 -30.00 10.26 5.61
CA LYS D 22 -29.12 10.86 4.58
C LYS D 22 -27.83 11.52 5.15
N THR D 23 -27.76 11.74 6.46
CA THR D 23 -26.67 12.50 7.15
C THR D 23 -25.74 11.52 7.86
N ALA D 24 -26.24 10.32 8.16
CA ALA D 24 -25.55 9.29 8.95
C ALA D 24 -24.29 8.82 8.21
N ASN D 25 -23.17 8.82 8.93
CA ASN D 25 -21.93 8.12 8.52
C ASN D 25 -22.36 6.71 8.10
N PRO D 26 -21.82 6.15 6.99
CA PRO D 26 -22.10 4.75 6.61
C PRO D 26 -21.93 3.68 7.70
N ILE D 27 -21.21 3.96 8.78
CA ILE D 27 -20.95 2.97 9.87
C ILE D 27 -22.08 2.97 10.89
N LEU D 28 -23.02 3.93 10.79
CA LEU D 28 -24.17 4.05 11.73
C LEU D 28 -25.41 3.34 11.13
N LEU D 29 -26.20 2.71 11.99
CA LEU D 29 -27.52 2.08 11.68
C LEU D 29 -28.62 2.91 12.36
N VAL D 30 -29.37 3.66 11.55
CA VAL D 30 -30.64 4.35 11.96
C VAL D 30 -31.79 3.33 11.94
N SER D 31 -32.46 3.13 13.06
CA SER D 31 -33.67 2.25 13.20
C SER D 31 -34.76 2.58 12.16
N GLU D 32 -35.72 1.64 12.00
CA GLU D 32 -36.89 1.78 11.09
C GLU D 32 -37.62 3.12 11.41
N ASP D 33 -37.90 3.39 12.69
CA ASP D 33 -38.69 4.58 13.14
C ASP D 33 -37.83 5.86 13.31
N GLN D 34 -36.58 5.84 12.87
CA GLN D 34 -35.65 6.99 12.87
C GLN D 34 -35.55 7.65 14.26
N ARG D 35 -35.68 6.92 15.36
CA ARG D 35 -35.54 7.48 16.73
C ARG D 35 -34.30 6.91 17.44
N SER D 36 -33.69 5.84 16.92
CA SER D 36 -32.49 5.26 17.60
C SER D 36 -31.37 5.00 16.58
N VAL D 37 -30.13 4.95 17.05
CA VAL D 37 -28.94 4.77 16.17
C VAL D 37 -27.97 3.80 16.84
N GLN D 38 -27.41 2.89 16.05
CA GLN D 38 -26.39 1.93 16.52
C GLN D 38 -25.23 1.96 15.53
N ARG D 39 -24.10 1.35 15.89
CA ARG D 39 -22.94 1.20 14.97
C ARG D 39 -22.89 -0.19 14.31
N ALA D 40 -22.66 -0.24 13.00
CA ALA D 40 -22.32 -1.46 12.22
C ALA D 40 -20.88 -1.89 12.49
N LYS D 41 -20.51 -3.13 12.14
CA LYS D 41 -19.12 -3.62 12.25
C LYS D 41 -18.26 -2.88 11.22
N GLU D 42 -18.81 -2.58 10.05
CA GLU D 42 -18.10 -2.02 8.88
C GLU D 42 -19.06 -1.12 8.13
N PRO D 43 -18.54 -0.05 7.48
CA PRO D 43 -19.41 0.90 6.80
C PRO D 43 -20.29 0.16 5.79
N GLN D 44 -21.55 0.56 5.67
CA GLN D 44 -22.46 0.10 4.59
C GLN D 44 -22.08 0.83 3.31
N ASP D 45 -22.61 0.37 2.18
CA ASP D 45 -22.29 0.97 0.85
C ASP D 45 -23.43 1.96 0.57
N LEU D 46 -23.22 3.23 0.94
CA LEU D 46 -24.20 4.32 0.74
C LEU D 46 -23.52 5.33 -0.15
N PRO D 47 -24.24 6.17 -0.92
CA PRO D 47 -23.58 7.25 -1.64
C PRO D 47 -22.92 8.29 -0.72
N ASP D 48 -21.97 9.07 -1.23
CA ASP D 48 -21.36 10.20 -0.47
C ASP D 48 -22.11 11.47 -0.89
N ASN D 49 -23.44 11.49 -0.70
CA ASN D 49 -24.28 12.69 -0.93
C ASN D 49 -23.78 13.82 -0.04
N PRO D 50 -23.88 15.10 -0.45
CA PRO D 50 -23.33 16.22 0.32
C PRO D 50 -23.70 16.30 1.81
N GLU D 51 -24.87 15.75 2.17
CA GLU D 51 -25.45 15.86 3.53
C GLU D 51 -24.78 14.83 4.44
N ARG D 52 -24.11 13.83 3.89
CA ARG D 52 -23.66 12.71 4.76
C ARG D 52 -22.34 13.11 5.46
N PHE D 53 -22.22 12.83 6.76
CA PHE D 53 -20.92 12.85 7.50
C PHE D 53 -20.04 11.69 7.00
N ASN D 54 -18.98 11.99 6.27
CA ASN D 54 -18.24 10.85 5.64
C ASN D 54 -17.06 10.43 6.49
N TRP D 55 -16.76 11.14 7.59
CA TRP D 55 -15.65 10.76 8.51
C TRP D 55 -16.14 10.60 9.95
N HIS D 56 -16.61 11.66 10.58
CA HIS D 56 -17.16 11.55 11.96
C HIS D 56 -18.34 10.57 11.97
N TYR D 57 -18.49 9.81 13.06
CA TYR D 57 -19.57 8.82 13.26
C TYR D 57 -20.84 9.53 13.79
N CYS D 58 -21.31 10.52 13.04
CA CYS D 58 -22.40 11.46 13.39
C CYS D 58 -23.63 11.25 12.50
N VAL D 59 -24.78 11.67 13.01
CA VAL D 59 -26.11 11.69 12.32
C VAL D 59 -26.85 12.94 12.83
N LEU D 60 -27.45 13.71 11.91
CA LEU D 60 -28.31 14.88 12.27
C LEU D 60 -29.79 14.50 12.42
N GLY D 61 -30.51 15.37 13.12
CA GLY D 61 -31.97 15.42 13.04
C GLY D 61 -32.39 15.95 11.68
N CYS D 62 -33.65 15.71 11.32
CA CYS D 62 -34.24 16.17 10.03
C CYS D 62 -34.52 17.67 10.12
N GLU D 63 -34.99 18.15 11.28
CA GLU D 63 -35.42 19.57 11.46
C GLU D 63 -34.28 20.38 12.10
N SER D 64 -33.92 21.52 11.55
CA SER D 64 -32.99 22.46 12.24
C SER D 64 -33.77 23.57 12.96
N PHE D 65 -33.12 24.25 13.91
CA PHE D 65 -33.71 25.33 14.74
C PHE D 65 -33.16 26.67 14.27
N ILE D 66 -34.05 27.63 14.00
CA ILE D 66 -33.69 28.98 13.51
C ILE D 66 -34.13 30.08 14.49
N SER D 67 -34.89 29.73 15.53
CA SER D 67 -35.34 30.70 16.56
C SER D 67 -36.06 29.97 17.70
N GLY D 68 -36.30 30.70 18.79
CA GLY D 68 -37.11 30.24 19.91
C GLY D 68 -36.35 29.33 20.86
N ARG D 69 -37.12 28.65 21.69
CA ARG D 69 -36.62 27.80 22.77
C ARG D 69 -37.12 26.37 22.56
N HIS D 70 -36.21 25.39 22.64
CA HIS D 70 -36.48 23.96 22.34
C HIS D 70 -35.65 23.09 23.27
N TYR D 71 -36.16 21.89 23.52
CA TYR D 71 -35.49 20.83 24.30
C TYR D 71 -35.88 19.47 23.70
N TRP D 72 -35.00 18.49 23.96
CA TRP D 72 -35.27 17.08 23.69
C TRP D 72 -34.45 16.26 24.66
N GLU D 73 -34.73 14.98 24.76
CA GLU D 73 -34.15 14.09 25.80
C GLU D 73 -33.64 12.85 25.08
N VAL D 74 -32.48 12.35 25.48
CA VAL D 74 -31.79 11.23 24.80
C VAL D 74 -31.53 10.20 25.88
N GLU D 75 -31.98 8.97 25.66
CA GLU D 75 -31.57 7.82 26.50
C GLU D 75 -30.16 7.38 26.05
N VAL D 76 -29.20 7.50 26.96
CA VAL D 76 -27.78 7.08 26.79
C VAL D 76 -27.60 5.68 27.39
N GLY D 77 -28.48 5.25 28.32
CA GLY D 77 -28.36 3.91 28.93
C GLY D 77 -27.07 3.82 29.73
N ASP D 78 -26.42 2.65 29.73
CA ASP D 78 -25.06 2.45 30.28
C ASP D 78 -24.03 2.36 29.13
N ARG D 79 -24.35 2.90 27.95
CA ARG D 79 -23.40 3.04 26.82
C ARG D 79 -22.12 3.67 27.34
N LYS D 80 -20.96 3.08 27.06
CA LYS D 80 -19.67 3.58 27.57
C LYS D 80 -19.17 4.77 26.72
N GLU D 81 -19.73 5.05 25.53
CA GLU D 81 -19.26 6.13 24.62
C GLU D 81 -20.44 6.75 23.85
N TRP D 82 -20.54 8.09 23.83
CA TRP D 82 -21.57 8.85 23.06
C TRP D 82 -21.27 10.33 23.27
N HIS D 83 -21.50 11.14 22.24
CA HIS D 83 -21.54 12.60 22.33
C HIS D 83 -22.84 13.10 21.65
N ILE D 84 -23.46 14.15 22.22
CA ILE D 84 -24.69 14.78 21.63
C ILE D 84 -24.67 16.29 21.83
N GLY D 85 -25.57 16.97 21.13
CA GLY D 85 -25.66 18.43 21.20
C GLY D 85 -26.26 18.94 19.95
N VAL D 86 -25.75 20.06 19.47
CA VAL D 86 -26.22 20.64 18.20
C VAL D 86 -25.01 21.09 17.42
N CYS D 87 -25.22 21.30 16.13
CA CYS D 87 -24.18 21.88 15.28
C CYS D 87 -24.85 22.76 14.26
N SER D 88 -24.07 23.65 13.66
CA SER D 88 -24.51 24.46 12.50
C SER D 88 -24.67 23.65 11.22
N LYS D 89 -25.63 24.12 10.46
CA LYS D 89 -26.00 23.59 9.12
C LYS D 89 -24.73 23.52 8.26
N ASN D 90 -23.83 24.49 8.39
CA ASN D 90 -22.70 24.65 7.45
C ASN D 90 -21.40 24.03 8.04
N VAL D 91 -21.47 23.15 9.03
CA VAL D 91 -20.27 22.46 9.59
C VAL D 91 -19.64 21.62 8.48
N GLN D 92 -18.35 21.34 8.57
CA GLN D 92 -17.63 20.43 7.63
C GLN D 92 -18.16 19.01 7.86
N ARG D 93 -18.78 18.41 6.84
CA ARG D 93 -19.27 17.02 6.95
C ARG D 93 -18.29 16.07 6.29
N LYS D 94 -17.34 16.59 5.50
CA LYS D 94 -16.36 15.84 4.69
C LYS D 94 -14.95 15.94 5.30
N GLY D 95 -14.44 14.84 5.83
CA GLY D 95 -13.13 14.82 6.53
C GLY D 95 -13.27 15.18 8.00
N TRP D 96 -12.27 14.86 8.81
CA TRP D 96 -12.25 15.25 10.23
C TRP D 96 -12.18 16.77 10.32
N VAL D 97 -12.90 17.29 11.30
CA VAL D 97 -12.81 18.65 11.83
C VAL D 97 -12.97 18.41 13.30
N LYS D 98 -12.33 19.22 14.14
CA LYS D 98 -12.48 19.04 15.60
C LYS D 98 -13.86 19.58 15.97
N MET D 99 -14.60 18.81 16.74
CA MET D 99 -15.97 19.17 17.15
C MET D 99 -15.84 20.18 18.28
N THR D 100 -15.83 21.46 17.94
CA THR D 100 -15.70 22.58 18.91
C THR D 100 -16.63 23.71 18.51
N PRO D 101 -17.01 24.62 19.46
CA PRO D 101 -17.87 25.77 19.14
C PRO D 101 -17.38 26.56 17.95
N GLU D 102 -16.07 26.68 17.79
CA GLU D 102 -15.49 27.54 16.72
C GLU D 102 -15.69 26.86 15.36
N ASN D 103 -15.86 25.55 15.33
CA ASN D 103 -16.14 24.82 14.05
C ASN D 103 -17.64 24.55 13.90
N GLY D 104 -18.43 24.98 14.89
CA GLY D 104 -19.90 25.00 14.78
C GLY D 104 -20.51 23.87 15.55
N PHE D 105 -19.85 23.36 16.58
CA PHE D 105 -20.36 22.18 17.30
C PHE D 105 -20.41 22.55 18.78
N TRP D 106 -21.55 22.29 19.41
CA TRP D 106 -21.79 22.46 20.86
C TRP D 106 -22.24 21.15 21.44
N THR D 107 -21.31 20.35 21.98
CA THR D 107 -21.53 18.92 22.30
C THR D 107 -20.85 18.59 23.60
N MET D 108 -21.31 17.50 24.23
CA MET D 108 -20.68 16.94 25.44
C MET D 108 -20.96 15.45 25.41
N GLY D 109 -20.28 14.68 26.25
CA GLY D 109 -20.61 13.25 26.33
C GLY D 109 -19.59 12.43 27.09
N LEU D 110 -19.53 11.15 26.75
CA LEU D 110 -18.83 10.13 27.57
C LEU D 110 -17.83 9.38 26.69
N THR D 111 -16.63 9.17 27.18
CA THR D 111 -15.63 8.27 26.56
C THR D 111 -15.06 7.36 27.65
N ASP D 112 -14.81 6.11 27.31
CA ASP D 112 -14.04 5.18 28.18
C ASP D 112 -14.78 4.94 29.50
N GLY D 113 -16.09 4.70 29.44
CA GLY D 113 -16.87 4.24 30.61
C GLY D 113 -17.21 5.36 31.57
N ASN D 114 -16.25 6.19 31.99
CA ASN D 114 -16.42 7.11 33.16
C ASN D 114 -15.83 8.51 32.93
N LYS D 115 -15.44 8.90 31.72
CA LYS D 115 -14.80 10.23 31.50
C LYS D 115 -15.74 11.12 30.69
N TYR D 116 -16.35 12.11 31.37
CA TYR D 116 -17.35 13.06 30.82
C TYR D 116 -16.59 14.28 30.34
N ARG D 117 -16.87 14.78 29.13
CA ARG D 117 -16.21 16.01 28.66
C ARG D 117 -17.24 16.93 28.02
N THR D 118 -16.91 18.20 27.91
CA THR D 118 -17.49 19.13 26.93
C THR D 118 -16.52 19.30 25.76
N LEU D 119 -17.00 19.17 24.53
CA LEU D 119 -16.15 19.27 23.32
C LEU D 119 -15.90 20.74 23.04
N THR D 120 -15.13 21.34 23.95
CA THR D 120 -14.57 22.72 23.84
C THR D 120 -13.12 22.65 23.33
N GLU D 121 -12.60 23.79 22.88
CA GLU D 121 -11.20 24.07 22.52
C GLU D 121 -10.50 24.78 23.68
N PRO D 122 -9.74 24.14 24.60
CA PRO D 122 -9.54 22.69 24.63
C PRO D 122 -10.69 21.97 25.33
N ARG D 123 -10.72 20.63 25.24
CA ARG D 123 -11.74 19.78 25.90
C ARG D 123 -11.67 20.11 27.39
N THR D 124 -12.75 19.93 28.15
CA THR D 124 -12.78 20.11 29.63
C THR D 124 -13.40 18.87 30.21
N ASN D 125 -12.81 18.34 31.27
CA ASN D 125 -13.34 17.16 31.99
C ASN D 125 -14.45 17.68 32.90
N LEU D 126 -15.53 16.90 33.04
CA LEU D 126 -16.72 17.25 33.88
C LEU D 126 -16.74 16.30 35.09
N LYS D 127 -17.23 16.78 36.22
CA LYS D 127 -17.24 16.08 37.54
C LYS D 127 -18.71 15.77 37.87
N LEU D 128 -19.18 14.59 37.45
CA LEU D 128 -20.61 14.21 37.52
C LEU D 128 -20.86 13.32 38.72
N PRO D 129 -21.49 13.85 39.81
CA PRO D 129 -21.90 13.05 40.96
C PRO D 129 -22.51 11.68 40.60
N LYS D 130 -23.42 11.65 39.63
CA LYS D 130 -24.10 10.42 39.15
C LYS D 130 -23.90 10.28 37.65
N PRO D 131 -23.78 9.05 37.10
CA PRO D 131 -23.85 8.85 35.65
C PRO D 131 -25.27 8.90 35.09
N PRO D 132 -25.60 9.86 34.20
CA PRO D 132 -26.94 9.96 33.60
C PRO D 132 -27.27 8.92 32.54
N LYS D 133 -28.48 8.34 32.62
CA LYS D 133 -29.00 7.31 31.67
C LYS D 133 -29.87 8.04 30.64
N LYS D 134 -30.21 9.28 30.93
CA LYS D 134 -31.10 10.07 30.07
C LYS D 134 -30.60 11.51 30.18
N VAL D 135 -30.48 12.20 29.04
CA VAL D 135 -29.91 13.57 29.04
C VAL D 135 -30.90 14.49 28.35
N GLY D 136 -31.06 15.69 28.91
CA GLY D 136 -31.90 16.72 28.31
C GLY D 136 -31.05 17.82 27.73
N VAL D 137 -31.36 18.20 26.50
CA VAL D 137 -30.65 19.27 25.75
C VAL D 137 -31.63 20.40 25.59
N PHE D 138 -31.27 21.60 26.02
CA PHE D 138 -32.07 22.83 25.95
C PHE D 138 -31.32 23.82 25.08
N LEU D 139 -32.02 24.37 24.10
CA LEU D 139 -31.50 25.42 23.21
C LEU D 139 -32.40 26.66 23.36
N ASP D 140 -31.78 27.82 23.52
CA ASP D 140 -32.44 29.13 23.40
C ASP D 140 -31.70 29.92 22.34
N TYR D 141 -32.23 29.92 21.12
CA TYR D 141 -31.56 30.53 19.96
C TYR D 141 -31.12 31.97 20.27
N GLU D 142 -32.01 32.79 20.87
CA GLU D 142 -31.87 34.27 20.89
C GLU D 142 -30.84 34.71 21.94
N THR D 143 -30.87 34.14 23.15
CA THR D 143 -29.83 34.38 24.21
C THR D 143 -28.50 33.80 23.71
N GLY D 144 -28.53 32.57 23.14
CA GLY D 144 -27.35 31.81 22.67
C GLY D 144 -26.91 30.83 23.74
N ASP D 145 -27.86 30.16 24.38
CA ASP D 145 -27.61 29.19 25.47
C ASP D 145 -28.00 27.79 24.99
N ILE D 146 -27.16 26.82 25.32
CA ILE D 146 -27.37 25.36 25.13
C ILE D 146 -26.98 24.71 26.43
N SER D 147 -27.83 23.85 27.00
CA SER D 147 -27.57 23.27 28.34
C SER D 147 -27.93 21.80 28.30
N PHE D 148 -27.27 21.03 29.15
CA PHE D 148 -27.39 19.57 29.28
C PHE D 148 -27.77 19.33 30.73
N TYR D 149 -28.68 18.39 30.97
CA TYR D 149 -29.19 18.02 32.31
C TYR D 149 -29.35 16.52 32.36
N ASN D 150 -29.08 15.90 33.52
CA ASN D 150 -29.64 14.58 33.89
C ASN D 150 -31.16 14.77 33.90
N ALA D 151 -31.88 13.97 33.10
CA ALA D 151 -33.32 14.15 32.85
C ALA D 151 -34.13 13.34 33.86
N VAL D 152 -33.52 12.36 34.56
CA VAL D 152 -34.23 11.56 35.60
C VAL D 152 -34.24 12.36 36.91
N ASP D 153 -33.12 12.93 37.35
CA ASP D 153 -33.00 13.59 38.67
C ASP D 153 -32.79 15.11 38.52
N GLY D 154 -32.82 15.66 37.30
CA GLY D 154 -32.86 17.11 37.05
C GLY D 154 -31.55 17.85 37.30
N SER D 155 -30.42 17.19 37.59
CA SER D 155 -29.11 17.88 37.80
C SER D 155 -28.59 18.51 36.49
N HIS D 156 -27.91 19.65 36.60
CA HIS D 156 -27.16 20.38 35.55
C HIS D 156 -25.90 19.61 35.20
N ILE D 157 -25.53 19.62 33.92
CA ILE D 157 -24.31 18.92 33.43
C ILE D 157 -23.37 19.97 32.85
N HIS D 158 -23.87 20.86 32.00
CA HIS D 158 -23.04 21.92 31.39
C HIS D 158 -23.96 22.89 30.68
N THR D 159 -23.50 24.13 30.50
CA THR D 159 -24.18 25.13 29.66
C THR D 159 -23.14 25.89 28.86
N PHE D 160 -23.34 26.03 27.57
CA PHE D 160 -22.67 27.04 26.72
C PHE D 160 -23.53 28.30 26.79
N LEU D 161 -22.96 29.41 27.26
CA LEU D 161 -23.64 30.71 27.52
C LEU D 161 -23.42 31.65 26.34
N ASP D 162 -24.39 32.53 26.09
CA ASP D 162 -24.32 33.74 25.23
C ASP D 162 -23.50 33.49 23.97
N VAL D 163 -23.88 32.48 23.17
CA VAL D 163 -23.31 32.25 21.79
C VAL D 163 -24.07 33.12 20.78
N SER D 164 -23.38 33.64 19.78
CA SER D 164 -23.98 34.43 18.69
C SER D 164 -24.17 33.53 17.46
N PHE D 165 -25.29 32.79 17.38
CA PHE D 165 -25.61 31.82 16.29
C PHE D 165 -25.88 32.59 15.02
N SER D 166 -25.25 32.24 13.92
CA SER D 166 -25.52 32.87 12.59
C SER D 166 -26.17 31.87 11.65
N GLU D 167 -26.49 30.65 12.10
CA GLU D 167 -26.92 29.53 11.23
C GLU D 167 -28.03 28.73 11.90
N ALA D 168 -28.85 28.06 11.10
CA ALA D 168 -29.75 26.98 11.60
C ALA D 168 -28.87 25.98 12.37
N LEU D 169 -29.41 25.44 13.46
CA LEU D 169 -28.80 24.42 14.34
C LEU D 169 -29.58 23.10 14.24
N TYR D 170 -28.84 21.99 14.09
CA TYR D 170 -29.34 20.60 14.11
C TYR D 170 -28.98 19.92 15.41
N PRO D 171 -29.85 19.05 15.95
CA PRO D 171 -29.41 18.05 16.90
C PRO D 171 -28.36 17.12 16.23
N VAL D 172 -27.31 16.74 16.97
CA VAL D 172 -26.19 15.92 16.44
C VAL D 172 -25.94 14.84 17.48
N PHE D 173 -25.64 13.63 17.01
CA PHE D 173 -25.41 12.42 17.83
C PHE D 173 -24.18 11.71 17.25
N ARG D 174 -23.33 11.16 18.11
CA ARG D 174 -22.06 10.56 17.68
C ARG D 174 -21.80 9.35 18.56
N ILE D 175 -21.53 8.19 17.96
CA ILE D 175 -21.10 6.97 18.69
C ILE D 175 -19.92 6.35 17.93
N LEU D 176 -18.86 6.01 18.68
CA LEU D 176 -17.60 5.39 18.17
C LEU D 176 -17.65 3.87 18.38
N THR D 177 -18.16 3.41 19.51
CA THR D 177 -17.99 2.00 19.97
C THR D 177 -19.11 1.10 19.41
N LEU D 178 -18.79 -0.17 19.15
CA LEU D 178 -19.79 -1.22 18.83
C LEU D 178 -20.19 -1.85 20.17
N GLU D 179 -21.39 -1.53 20.63
CA GLU D 179 -21.94 -1.81 21.99
C GLU D 179 -23.39 -2.29 21.84
N PRO D 180 -23.99 -2.88 22.90
CA PRO D 180 -25.36 -3.39 22.83
C PRO D 180 -26.39 -2.26 23.01
N THR D 181 -26.16 -1.34 23.95
CA THR D 181 -27.03 -0.16 24.21
C THR D 181 -26.94 0.78 22.99
N ALA D 182 -28.05 0.93 22.27
CA ALA D 182 -28.20 1.95 21.21
C ALA D 182 -28.31 3.33 21.87
N LEU D 183 -28.41 4.37 21.05
CA LEU D 183 -28.70 5.77 21.46
C LEU D 183 -30.10 6.11 20.93
N THR D 184 -31.03 6.49 21.81
CA THR D 184 -32.49 6.64 21.46
C THR D 184 -33.05 7.99 21.91
N ILE D 185 -33.66 8.70 20.96
CA ILE D 185 -34.38 10.01 21.15
C ILE D 185 -35.75 9.72 21.76
N CYS D 186 -36.03 10.23 22.96
CA CYS D 186 -37.34 10.11 23.64
C CYS D 186 -38.38 10.90 22.87
N PRO D 187 -39.50 10.27 22.43
CA PRO D 187 -40.34 10.85 21.38
C PRO D 187 -41.02 12.20 21.67
#